data_3SHF
#
_entry.id   3SHF
#
_cell.length_a   72.880
_cell.length_b   111.820
_cell.length_c   244.270
_cell.angle_alpha   90.000
_cell.angle_beta   90.000
_cell.angle_gamma   90.000
#
_symmetry.space_group_name_H-M   'P 21 21 21'
#
loop_
_entity.id
_entity.type
_entity.pdbx_description
1 polymer 'Apoptotic peptidase activating factor 1'
2 non-polymer "ADENOSINE-5'-DIPHOSPHATE"
3 non-polymer GAMMA-BUTYROLACTONE
4 water water
#
_entity_poly.entity_id   1
_entity_poly.type   'polypeptide(L)'
_entity_poly.pdbx_seq_one_letter_code
;GAMDPEFMDAKARNCLLQHREALEKDIKTSYIMDHMISNGVLSVIEEEKVKSQATQYQRAAALIKMILNKDNCAYISFYN
ALLHEGYKDLAALLQSGLPLVSSSSGKDTDGGITSFVRTVLCEGGVPQRPVIFVTRKKLVHAIQQKLWKLNGEPGWVTIY
GMAGCGKSVLAAEAVRDHSLLEGCFSGGVHWVSIGKQDKSGLLMKLQNLCMRLDQEESFSQRLPLNIEEAKDRLRVLMLR
KHPRSLLILDDVWDPWVLKAFDNQCQILLTTSDKSVTDSVMGPKHVVPVESGLGREKGLEILSLFVNMKKEDLPAEAHSI
IKECKGSPLVVSLIGALLRDFPNRWAYYLRQLQNKQFKRIRKSSSYDYEALDEAMSISVEMLREDIKDYYTDLSILQKDV
KVPTKVLCVLWDLETEEVEDILQEFVNKSLLFCNRNGKSFCYYLHDLQVDFLTEKNRSQLQDLHRKMVTQFQRYYQPHTL
SPDQEDCMYWYNFLAYHMASANMHKELCALMFSLDWIKAKTELVGPAHLIHEFVAYRHILDEKDCAVCENFQEFLSLNGH
LLGRQPFPNIVQLGLCEPETSEVYRQAKLQAKQEGDTGRLYLEWINKKTIKNLSRLVVRPHTDAVYHACFSQDGQRIASC
GADKTLQVFKAETGEKLLDIKAHEDEVLCCAFSSDDSYIATCSADKKVKIWDSATGKLVHTYDEHSEQVNCCHFTNKSNH
LLLATGSNDFFLKLWDLNQKECRNTMFGHTNSVNHCRFSPDDELLASCSADGTLRLWDVRSANERKSINVKRFFLSSEDP
PEDVEVIVKCCSWSADGDKIIVAAKNKVLLFDIHTSGLLAEIHTGHHSTIQYCDFSPYDHLAVIALSQYCVELWNIDSRL
KVADCRGHLSWVHGVMFSPDGSSFLTASDDQTIRVWETKKVCKNSAIVLKQEIDVVFQENETMVLAVDNIRGLQLIAGKT
GQIDYLPEAQVSCCCLSPHLEYVAFGDEDGAIKIIELPNNRVFSSGVGHKKAVRHIQFTADGKTLISSSEDSVIQVWNWQ
TGDYVFLQAHQETVKDFRLLQDSRLLSWSFDGTVKVWNVITGRIERDFTCHQGTVLSCAISSDATKFSSTSADKTAKIWS
FDLLSPLHELKGHNGCVRCSAFSLDGILLATGDDNGEIRIWNVSDGQLLHSCAPISVEEGTATHGGWVTDVCFSPDSKTL
VSAGGYLKWWNVATGDSSQTFYTNGTNLKKIHVSPDFRTYVTVDNLGILYILQVLE
;
_entity_poly.pdbx_strand_id   A
#
# COMPACT_ATOMS: atom_id res chain seq x y z
N THR A 109 23.69 -28.74 -33.47
CA THR A 109 23.37 -27.47 -34.17
C THR A 109 22.80 -27.78 -35.57
N ASP A 110 21.64 -27.22 -35.90
CA ASP A 110 21.01 -27.42 -37.23
C ASP A 110 19.79 -26.51 -37.46
N GLY A 111 18.74 -27.04 -38.09
CA GLY A 111 17.55 -26.24 -38.37
C GLY A 111 16.15 -26.85 -38.32
N GLY A 112 15.45 -26.55 -37.22
CA GLY A 112 14.10 -27.01 -37.01
C GLY A 112 13.24 -25.78 -36.81
N ILE A 113 13.85 -24.62 -37.07
CA ILE A 113 13.23 -23.30 -36.96
C ILE A 113 12.16 -23.14 -38.05
N THR A 114 11.25 -22.18 -37.90
CA THR A 114 10.20 -21.99 -38.90
C THR A 114 9.87 -20.53 -39.20
N SER A 115 10.77 -19.61 -38.84
CA SER A 115 10.55 -18.17 -39.03
C SER A 115 9.28 -17.77 -38.25
N PHE A 116 8.63 -18.80 -37.70
CA PHE A 116 7.44 -18.67 -36.86
C PHE A 116 8.01 -18.95 -35.48
N VAL A 117 8.66 -20.11 -35.35
CA VAL A 117 9.29 -20.47 -34.10
C VAL A 117 10.02 -19.20 -33.72
N ARG A 118 10.67 -18.61 -34.71
CA ARG A 118 11.43 -17.37 -34.53
C ARG A 118 10.57 -16.32 -33.86
N THR A 119 9.63 -15.75 -34.61
CA THR A 119 8.75 -14.72 -34.09
C THR A 119 8.27 -15.06 -32.67
N VAL A 120 7.58 -16.17 -32.50
CA VAL A 120 7.09 -16.56 -31.18
C VAL A 120 8.15 -16.51 -30.09
N LEU A 121 9.39 -16.85 -30.45
CA LEU A 121 10.50 -16.86 -29.50
C LEU A 121 11.26 -15.53 -29.36
N CYS A 122 11.36 -14.76 -30.44
CA CYS A 122 12.06 -13.49 -30.39
C CYS A 122 11.09 -12.49 -29.76
N GLU A 123 9.80 -12.80 -29.87
CA GLU A 123 8.79 -11.93 -29.29
C GLU A 123 8.87 -12.07 -27.78
N GLY A 124 8.33 -13.19 -27.27
CA GLY A 124 8.30 -13.48 -25.85
C GLY A 124 9.56 -13.19 -25.05
N GLY A 125 10.66 -12.91 -25.73
CA GLY A 125 11.90 -12.61 -25.04
C GLY A 125 12.89 -13.75 -24.91
N VAL A 126 12.51 -14.94 -25.38
CA VAL A 126 13.42 -16.08 -25.27
C VAL A 126 14.80 -15.77 -25.83
N PRO A 127 15.85 -16.28 -25.16
CA PRO A 127 17.21 -16.01 -25.65
C PRO A 127 17.51 -16.94 -26.82
N GLN A 128 18.53 -16.58 -27.60
CA GLN A 128 18.93 -17.40 -28.74
C GLN A 128 20.02 -18.35 -28.26
N ARG A 129 20.69 -19.00 -29.20
CA ARG A 129 21.73 -19.95 -28.84
C ARG A 129 23.06 -19.37 -28.39
N PRO A 130 23.86 -20.19 -27.68
CA PRO A 130 25.15 -19.70 -27.24
C PRO A 130 26.12 -19.92 -28.41
N VAL A 131 26.88 -18.90 -28.76
CA VAL A 131 27.87 -18.96 -29.85
C VAL A 131 28.01 -20.35 -30.48
N ILE A 132 28.52 -21.29 -29.68
CA ILE A 132 28.71 -22.68 -30.09
C ILE A 132 27.70 -23.54 -29.34
N PHE A 133 27.09 -24.51 -30.04
CA PHE A 133 26.05 -25.35 -29.43
C PHE A 133 26.17 -26.86 -29.69
N VAL A 134 25.81 -27.66 -28.68
CA VAL A 134 25.83 -29.12 -28.77
C VAL A 134 24.45 -29.72 -28.43
N THR A 135 23.76 -30.19 -29.46
CA THR A 135 22.43 -30.77 -29.31
C THR A 135 22.38 -31.80 -28.19
N ARG A 136 21.76 -31.42 -27.09
CA ARG A 136 21.61 -32.32 -25.97
C ARG A 136 20.21 -32.91 -26.09
N LYS A 137 19.80 -33.13 -27.35
CA LYS A 137 18.49 -33.67 -27.72
C LYS A 137 17.79 -34.63 -26.72
N LYS A 138 18.56 -35.47 -26.05
CA LYS A 138 18.05 -36.42 -25.07
C LYS A 138 17.21 -35.74 -23.98
N LEU A 139 17.53 -34.47 -23.71
CA LEU A 139 16.83 -33.69 -22.70
C LEU A 139 15.97 -32.58 -23.32
N VAL A 140 16.34 -32.12 -24.52
CA VAL A 140 15.55 -31.08 -25.20
C VAL A 140 14.19 -31.74 -25.28
N HIS A 141 14.24 -33.06 -25.47
CA HIS A 141 13.09 -33.95 -25.61
C HIS A 141 12.48 -34.27 -24.24
N ALA A 142 13.31 -34.71 -23.30
CA ALA A 142 12.85 -35.04 -21.96
C ALA A 142 11.88 -33.98 -21.48
N ILE A 143 12.30 -32.72 -21.61
CA ILE A 143 11.53 -31.54 -21.22
C ILE A 143 10.25 -31.39 -22.03
N GLN A 144 10.42 -31.27 -23.34
CA GLN A 144 9.30 -31.12 -24.27
C GLN A 144 8.14 -32.01 -23.83
N GLN A 145 8.45 -33.29 -23.61
CA GLN A 145 7.45 -34.27 -23.19
C GLN A 145 6.60 -33.76 -22.05
N LYS A 146 7.23 -33.51 -20.90
CA LYS A 146 6.53 -33.04 -19.73
C LYS A 146 5.66 -31.81 -20.05
N LEU A 147 5.93 -31.12 -21.16
CA LEU A 147 5.13 -29.94 -21.53
C LEU A 147 3.79 -30.32 -22.17
N TRP A 148 3.81 -31.24 -23.13
CA TRP A 148 2.56 -31.70 -23.75
C TRP A 148 1.79 -32.32 -22.60
N LYS A 149 2.54 -33.01 -21.72
CA LYS A 149 1.97 -33.71 -20.56
C LYS A 149 1.22 -32.80 -19.59
N LEU A 150 0.91 -31.58 -20.06
CA LEU A 150 0.16 -30.61 -19.28
C LEU A 150 -1.22 -30.55 -19.95
N ASN A 151 -1.23 -30.90 -21.24
CA ASN A 151 -2.43 -30.90 -22.06
C ASN A 151 -2.94 -29.47 -22.13
N GLY A 152 -4.17 -29.27 -21.67
CA GLY A 152 -4.72 -27.95 -21.66
C GLY A 152 -4.54 -27.41 -20.27
N GLU A 153 -4.87 -28.25 -19.29
CA GLU A 153 -4.77 -27.88 -17.88
C GLU A 153 -3.42 -27.27 -17.49
N PRO A 154 -3.44 -26.13 -16.77
CA PRO A 154 -2.21 -25.44 -16.35
C PRO A 154 -1.46 -26.33 -15.39
N GLY A 155 -0.13 -26.21 -15.39
CA GLY A 155 0.69 -27.01 -14.52
C GLY A 155 2.00 -26.35 -14.17
N TRP A 156 3.00 -27.17 -13.83
CA TRP A 156 4.31 -26.68 -13.46
C TRP A 156 5.41 -27.63 -13.90
N VAL A 157 6.28 -27.19 -14.80
CA VAL A 157 7.38 -28.04 -15.24
C VAL A 157 8.73 -27.42 -14.85
N THR A 158 9.41 -28.05 -13.88
CA THR A 158 10.68 -27.55 -13.37
C THR A 158 11.96 -28.26 -13.83
N ILE A 159 12.85 -27.49 -14.44
CA ILE A 159 14.13 -27.99 -14.95
C ILE A 159 15.21 -27.58 -13.97
N TYR A 160 15.42 -28.34 -12.90
CA TYR A 160 16.46 -27.95 -11.93
C TYR A 160 17.79 -28.65 -12.15
N GLY A 161 18.83 -28.08 -11.55
CA GLY A 161 20.17 -28.63 -11.66
C GLY A 161 21.16 -27.64 -11.11
N MET A 162 22.36 -28.11 -10.77
CA MET A 162 23.38 -27.22 -10.23
C MET A 162 23.54 -26.07 -11.20
N ALA A 163 23.84 -24.87 -10.68
CA ALA A 163 24.01 -23.71 -11.53
C ALA A 163 24.91 -24.08 -12.71
N GLY A 164 24.94 -23.20 -13.71
CA GLY A 164 25.76 -23.44 -14.89
C GLY A 164 25.85 -24.90 -15.30
N CYS A 165 24.70 -25.48 -15.66
CA CYS A 165 24.67 -26.88 -16.07
C CYS A 165 23.97 -27.03 -17.41
N GLY A 166 23.36 -25.95 -17.90
CA GLY A 166 22.68 -25.99 -19.17
C GLY A 166 21.24 -25.49 -19.18
N LYS A 167 20.51 -25.74 -18.08
CA LYS A 167 19.10 -25.34 -17.91
C LYS A 167 18.60 -24.23 -18.84
N SER A 168 19.07 -23.01 -18.59
CA SER A 168 18.67 -21.87 -19.38
C SER A 168 18.77 -22.12 -20.89
N VAL A 169 19.80 -22.83 -21.33
CA VAL A 169 19.90 -23.14 -22.75
C VAL A 169 18.90 -24.23 -23.08
N LEU A 170 18.75 -25.19 -22.16
CA LEU A 170 17.81 -26.30 -22.33
C LEU A 170 16.41 -25.76 -22.51
N ALA A 171 15.98 -24.93 -21.57
CA ALA A 171 14.65 -24.33 -21.64
C ALA A 171 14.42 -23.80 -23.05
N ALA A 172 15.16 -22.75 -23.41
CA ALA A 172 15.04 -22.14 -24.73
C ALA A 172 14.95 -23.20 -25.81
N GLU A 173 15.79 -24.22 -25.73
CA GLU A 173 15.77 -25.27 -26.74
C GLU A 173 14.45 -26.04 -26.76
N ALA A 174 13.77 -26.11 -25.62
CA ALA A 174 12.50 -26.83 -25.56
C ALA A 174 11.46 -26.16 -26.44
N VAL A 175 11.19 -24.88 -26.17
CA VAL A 175 10.21 -24.13 -26.94
C VAL A 175 10.73 -23.63 -28.29
N ARG A 176 11.83 -24.23 -28.73
CA ARG A 176 12.45 -23.89 -30.00
C ARG A 176 12.15 -25.06 -30.93
N ASP A 177 10.88 -25.22 -31.27
CA ASP A 177 10.44 -26.32 -32.14
C ASP A 177 8.94 -26.20 -32.45
N HIS A 178 8.64 -25.89 -33.71
CA HIS A 178 7.26 -25.71 -34.19
C HIS A 178 6.24 -26.77 -33.71
N SER A 179 6.58 -28.04 -33.84
CA SER A 179 5.68 -29.12 -33.42
C SER A 179 5.14 -28.88 -32.02
N LEU A 180 6.04 -28.59 -31.09
CA LEU A 180 5.63 -28.33 -29.71
C LEU A 180 4.94 -26.99 -29.57
N LEU A 181 5.48 -25.96 -30.21
CA LEU A 181 4.89 -24.62 -30.12
C LEU A 181 3.40 -24.67 -30.47
N GLU A 182 3.07 -24.52 -31.74
CA GLU A 182 1.68 -24.54 -32.20
C GLU A 182 0.94 -25.77 -31.66
N GLY A 183 -0.34 -25.59 -31.35
CA GLY A 183 -1.09 -26.71 -30.81
C GLY A 183 -0.40 -27.16 -29.54
N CYS A 184 -0.50 -26.33 -28.50
CA CYS A 184 0.07 -26.58 -27.18
C CYS A 184 0.28 -25.21 -26.56
N PHE A 185 1.13 -24.40 -27.21
CA PHE A 185 1.45 -23.04 -26.76
C PHE A 185 1.36 -22.11 -27.96
N SER A 186 0.39 -22.39 -28.82
CA SER A 186 0.14 -21.61 -30.04
C SER A 186 0.09 -20.11 -29.83
N GLY A 187 -0.23 -19.69 -28.61
CA GLY A 187 -0.31 -18.28 -28.30
C GLY A 187 1.07 -17.67 -28.15
N GLY A 188 2.03 -18.53 -27.81
CA GLY A 188 3.41 -18.08 -27.65
C GLY A 188 4.04 -18.48 -26.33
N VAL A 189 5.15 -17.82 -26.01
CA VAL A 189 5.87 -18.06 -24.78
C VAL A 189 6.54 -16.76 -24.36
N HIS A 190 6.80 -16.63 -23.07
CA HIS A 190 7.44 -15.45 -22.55
C HIS A 190 8.51 -15.79 -21.56
N TRP A 191 9.72 -15.32 -21.87
CA TRP A 191 10.87 -15.57 -21.02
C TRP A 191 10.97 -14.43 -20.01
N VAL A 192 11.17 -14.79 -18.74
CA VAL A 192 11.28 -13.81 -17.69
C VAL A 192 12.45 -14.09 -16.75
N SER A 193 13.64 -13.58 -17.07
CA SER A 193 14.78 -13.80 -16.20
C SER A 193 14.45 -13.15 -14.87
N ILE A 194 14.23 -13.98 -13.86
CA ILE A 194 13.91 -13.47 -12.53
C ILE A 194 15.10 -13.59 -11.60
N GLY A 195 15.50 -14.82 -11.32
CA GLY A 195 16.64 -15.05 -10.45
C GLY A 195 16.33 -14.74 -9.01
N LYS A 196 17.37 -14.55 -8.22
CA LYS A 196 17.22 -14.26 -6.79
C LYS A 196 16.78 -12.82 -6.61
N GLN A 197 15.52 -12.62 -6.25
CA GLN A 197 15.02 -11.28 -6.05
C GLN A 197 14.34 -11.14 -4.70
N ASP A 198 14.40 -9.93 -4.15
CA ASP A 198 13.75 -9.63 -2.88
C ASP A 198 12.36 -9.19 -3.35
N LYS A 199 11.56 -8.64 -2.46
CA LYS A 199 10.20 -8.23 -2.84
C LYS A 199 10.17 -7.15 -3.90
N SER A 200 10.86 -6.04 -3.64
CA SER A 200 10.89 -4.92 -4.58
C SER A 200 11.50 -5.38 -5.91
N GLY A 201 12.35 -6.39 -5.83
CA GLY A 201 12.97 -6.92 -7.03
C GLY A 201 11.91 -7.51 -7.95
N LEU A 202 11.33 -8.64 -7.56
CA LEU A 202 10.29 -9.28 -8.36
C LEU A 202 9.33 -8.26 -8.95
N LEU A 203 9.12 -7.16 -8.23
CA LEU A 203 8.23 -6.11 -8.71
C LEU A 203 8.73 -5.50 -10.01
N MET A 204 10.00 -5.10 -10.05
CA MET A 204 10.63 -4.51 -11.24
C MET A 204 10.52 -5.46 -12.41
N LYS A 205 10.44 -6.75 -12.11
CA LYS A 205 10.32 -7.79 -13.13
C LYS A 205 8.93 -7.73 -13.70
N LEU A 206 7.94 -7.95 -12.83
CA LEU A 206 6.53 -7.93 -13.20
C LEU A 206 6.19 -6.66 -13.95
N GLN A 207 6.75 -5.54 -13.48
CA GLN A 207 6.52 -4.27 -14.11
C GLN A 207 6.97 -4.39 -15.55
N ASN A 208 8.14 -5.01 -15.73
CA ASN A 208 8.69 -5.22 -17.06
C ASN A 208 7.79 -6.14 -17.88
N LEU A 209 7.46 -7.30 -17.30
CA LEU A 209 6.60 -8.29 -17.97
C LEU A 209 5.25 -7.73 -18.40
N CYS A 210 4.83 -6.63 -17.78
CA CYS A 210 3.57 -6.01 -18.12
C CYS A 210 3.80 -4.98 -19.22
N MET A 211 4.88 -4.23 -19.10
CA MET A 211 5.23 -3.24 -20.13
C MET A 211 5.40 -3.98 -21.44
N ARG A 212 5.50 -5.31 -21.36
CA ARG A 212 5.68 -6.13 -22.55
C ARG A 212 4.40 -6.74 -23.08
N LEU A 213 3.61 -7.37 -22.20
CA LEU A 213 2.36 -8.00 -22.61
C LEU A 213 1.27 -7.01 -23.05
N ASP A 214 1.02 -5.97 -22.25
CA ASP A 214 0.03 -4.96 -22.62
C ASP A 214 0.77 -3.80 -23.27
N GLN A 215 1.70 -4.13 -24.17
CA GLN A 215 2.51 -3.14 -24.89
C GLN A 215 1.58 -2.25 -25.70
N GLU A 216 0.29 -2.58 -25.67
CA GLU A 216 -0.75 -1.84 -26.37
C GLU A 216 -1.62 -1.08 -25.36
N GLU A 217 -1.26 -1.18 -24.08
CA GLU A 217 -1.99 -0.51 -23.01
C GLU A 217 -3.43 -0.97 -23.05
N SER A 218 -3.64 -2.08 -23.75
CA SER A 218 -4.94 -2.70 -23.95
C SER A 218 -5.77 -2.82 -22.67
N PHE A 219 -5.12 -2.63 -21.52
CA PHE A 219 -5.80 -2.70 -20.24
C PHE A 219 -5.18 -1.72 -19.25
N SER A 220 -5.34 -0.44 -19.59
CA SER A 220 -4.84 0.71 -18.82
C SER A 220 -3.35 0.88 -18.98
N GLN A 221 -2.92 2.06 -19.42
CA GLN A 221 -1.49 2.29 -19.57
C GLN A 221 -0.88 2.33 -18.16
N ARG A 222 0.40 2.65 -18.06
CA ARG A 222 1.04 2.69 -16.75
C ARG A 222 1.09 1.25 -16.26
N LEU A 223 2.19 0.91 -15.60
CA LEU A 223 2.42 -0.44 -15.08
C LEU A 223 1.78 -0.63 -13.71
N PRO A 224 1.72 -1.88 -13.22
CA PRO A 224 1.12 -2.08 -11.90
C PRO A 224 2.06 -1.50 -10.86
N LEU A 225 1.51 -0.92 -9.79
CA LEU A 225 2.35 -0.30 -8.78
C LEU A 225 2.86 -1.21 -7.67
N ASN A 226 2.48 -2.49 -7.68
CA ASN A 226 2.95 -3.41 -6.65
C ASN A 226 2.69 -4.87 -7.02
N ILE A 227 3.41 -5.78 -6.36
CA ILE A 227 3.29 -7.23 -6.63
C ILE A 227 1.85 -7.62 -6.88
N GLU A 228 1.07 -7.59 -5.80
CA GLU A 228 -0.34 -7.93 -5.79
C GLU A 228 -1.04 -7.43 -7.06
N GLU A 229 -1.01 -6.11 -7.28
CA GLU A 229 -1.66 -5.51 -8.44
C GLU A 229 -1.18 -6.10 -9.75
N ALA A 230 0.11 -6.40 -9.82
CA ALA A 230 0.69 -6.98 -11.02
C ALA A 230 0.20 -8.40 -11.23
N LYS A 231 -0.01 -9.11 -10.12
CA LYS A 231 -0.47 -10.49 -10.18
C LYS A 231 -1.70 -10.50 -11.07
N ASP A 232 -2.60 -9.57 -10.79
CA ASP A 232 -3.82 -9.47 -11.55
C ASP A 232 -3.57 -9.08 -12.99
N ARG A 233 -3.12 -7.85 -13.22
CA ARG A 233 -2.85 -7.39 -14.58
C ARG A 233 -2.33 -8.57 -15.38
N LEU A 234 -1.58 -9.45 -14.70
CA LEU A 234 -1.01 -10.64 -15.31
C LEU A 234 -2.10 -11.65 -15.63
N ARG A 235 -2.71 -12.19 -14.57
CA ARG A 235 -3.77 -13.18 -14.65
C ARG A 235 -4.80 -12.89 -15.74
N VAL A 236 -4.86 -11.63 -16.16
CA VAL A 236 -5.79 -11.23 -17.20
C VAL A 236 -5.16 -11.44 -18.58
N LEU A 237 -3.95 -10.94 -18.77
CA LEU A 237 -3.26 -11.07 -20.04
C LEU A 237 -3.01 -12.50 -20.48
N MET A 238 -2.75 -13.37 -19.51
CA MET A 238 -2.48 -14.79 -19.78
C MET A 238 -3.77 -15.56 -20.09
N LEU A 239 -4.83 -15.22 -19.38
CA LEU A 239 -6.10 -15.89 -19.54
C LEU A 239 -7.05 -15.22 -20.54
N ARG A 240 -6.49 -14.33 -21.36
CA ARG A 240 -7.20 -13.61 -22.41
C ARG A 240 -6.27 -12.50 -22.86
N LYS A 241 -6.24 -12.26 -24.17
CA LYS A 241 -5.36 -11.26 -24.77
C LYS A 241 -4.07 -12.00 -25.14
N HIS A 242 -3.82 -13.10 -24.43
CA HIS A 242 -2.65 -13.95 -24.65
C HIS A 242 -2.88 -15.30 -23.95
N PRO A 243 -3.92 -16.06 -24.36
CA PRO A 243 -4.26 -17.36 -23.78
C PRO A 243 -3.53 -18.52 -24.45
N ARG A 244 -3.51 -19.68 -23.80
CA ARG A 244 -2.84 -20.85 -24.36
C ARG A 244 -1.38 -20.46 -24.63
N SER A 245 -0.78 -19.76 -23.69
CA SER A 245 0.60 -19.31 -23.81
C SER A 245 1.45 -19.87 -22.67
N LEU A 246 2.73 -20.11 -22.96
CA LEU A 246 3.64 -20.64 -21.96
C LEU A 246 4.47 -19.52 -21.36
N LEU A 247 4.74 -19.64 -20.07
CA LEU A 247 5.53 -18.66 -19.37
C LEU A 247 6.81 -19.36 -18.93
N ILE A 248 7.96 -18.86 -19.38
CA ILE A 248 9.24 -19.46 -19.03
C ILE A 248 9.91 -18.59 -17.97
N LEU A 249 10.03 -19.11 -16.76
CA LEU A 249 10.66 -18.38 -15.67
C LEU A 249 12.10 -18.87 -15.53
N ASP A 250 13.07 -18.05 -15.92
CA ASP A 250 14.46 -18.45 -15.82
C ASP A 250 14.98 -18.25 -14.40
N ASP A 251 15.58 -19.30 -13.84
CA ASP A 251 16.16 -19.28 -12.50
C ASP A 251 15.30 -18.66 -11.38
N VAL A 252 14.56 -19.51 -10.66
CA VAL A 252 13.71 -19.10 -9.54
C VAL A 252 14.40 -19.52 -8.26
N TRP A 253 14.26 -18.75 -7.19
CA TRP A 253 14.92 -19.15 -5.94
C TRP A 253 13.99 -19.42 -4.77
N ASP A 254 12.91 -18.68 -4.67
CA ASP A 254 11.99 -18.87 -3.55
C ASP A 254 10.58 -19.27 -3.95
N PRO A 255 9.99 -20.23 -3.21
CA PRO A 255 8.64 -20.72 -3.48
C PRO A 255 7.69 -19.58 -3.73
N TRP A 256 7.57 -18.72 -2.74
CA TRP A 256 6.66 -17.59 -2.81
C TRP A 256 6.65 -16.82 -4.16
N VAL A 257 7.79 -16.79 -4.84
CA VAL A 257 7.89 -16.09 -6.12
C VAL A 257 6.96 -16.75 -7.15
N LEU A 258 6.91 -18.08 -7.12
CA LEU A 258 6.07 -18.80 -8.05
C LEU A 258 4.62 -18.41 -7.82
N LYS A 259 4.26 -18.25 -6.55
CA LYS A 259 2.90 -17.87 -6.18
C LYS A 259 2.80 -16.37 -6.42
N ALA A 260 2.50 -16.02 -7.67
CA ALA A 260 2.39 -14.65 -8.11
C ALA A 260 2.18 -14.87 -9.58
N PHE A 261 2.56 -16.06 -10.02
CA PHE A 261 2.40 -16.50 -11.40
C PHE A 261 1.40 -17.63 -11.36
N ASP A 262 0.95 -17.97 -10.15
CA ASP A 262 -0.05 -19.01 -9.96
C ASP A 262 -1.35 -18.40 -10.45
N ASN A 263 -1.49 -18.28 -11.77
CA ASN A 263 -2.70 -17.70 -12.34
C ASN A 263 -3.23 -18.45 -13.54
N GLN A 264 -3.39 -19.76 -13.36
CA GLN A 264 -3.88 -20.66 -14.41
C GLN A 264 -3.10 -20.55 -15.70
N CYS A 265 -1.80 -20.75 -15.60
CA CYS A 265 -0.96 -20.69 -16.77
C CYS A 265 -0.16 -21.97 -16.71
N GLN A 266 0.44 -22.32 -17.84
CA GLN A 266 1.27 -23.50 -17.88
C GLN A 266 2.64 -22.85 -17.81
N ILE A 267 3.36 -23.06 -16.71
CA ILE A 267 4.66 -22.44 -16.50
C ILE A 267 5.87 -23.38 -16.48
N LEU A 268 6.88 -23.09 -17.29
CA LEU A 268 8.12 -23.87 -17.35
C LEU A 268 9.21 -23.06 -16.66
N LEU A 269 9.59 -23.44 -15.44
CA LEU A 269 10.63 -22.72 -14.71
C LEU A 269 11.91 -23.54 -14.53
N THR A 270 13.03 -22.85 -14.29
CA THR A 270 14.32 -23.50 -14.05
C THR A 270 14.83 -23.07 -12.69
N THR A 271 15.47 -23.98 -11.97
CA THR A 271 15.98 -23.64 -10.65
C THR A 271 17.18 -24.47 -10.21
N SER A 272 17.76 -24.08 -9.08
CA SER A 272 18.91 -24.78 -8.53
C SER A 272 18.44 -25.37 -7.23
N ASP A 273 17.13 -25.43 -7.09
CA ASP A 273 16.49 -25.94 -5.89
C ASP A 273 15.06 -26.37 -6.20
N LYS A 274 14.86 -27.68 -6.30
CA LYS A 274 13.54 -28.21 -6.61
C LYS A 274 12.44 -27.81 -5.64
N SER A 275 12.80 -27.55 -4.38
CA SER A 275 11.79 -27.20 -3.38
C SER A 275 11.15 -25.82 -3.57
N VAL A 276 11.00 -25.37 -4.80
CA VAL A 276 10.38 -24.07 -5.00
C VAL A 276 8.92 -24.27 -5.39
N THR A 277 8.54 -25.53 -5.58
CA THR A 277 7.17 -25.86 -5.94
C THR A 277 6.39 -26.44 -4.75
N ASP A 278 6.81 -26.08 -3.53
CA ASP A 278 6.15 -26.55 -2.32
C ASP A 278 5.25 -25.46 -1.74
N SER A 279 5.16 -24.35 -2.45
CA SER A 279 4.32 -23.27 -1.99
C SER A 279 3.28 -23.02 -3.08
N VAL A 280 3.15 -24.00 -3.96
CA VAL A 280 2.19 -23.88 -5.06
C VAL A 280 1.55 -25.22 -5.40
N MET A 281 0.28 -25.15 -5.78
CA MET A 281 -0.49 -26.34 -6.13
C MET A 281 -0.73 -26.45 -7.64
N GLY A 282 -0.74 -27.68 -8.13
CA GLY A 282 -0.96 -27.95 -9.52
C GLY A 282 -0.26 -29.22 -9.94
N PRO A 283 -0.55 -29.74 -11.12
CA PRO A 283 0.09 -30.97 -11.59
C PRO A 283 1.53 -30.71 -12.01
N LYS A 284 2.37 -30.41 -11.03
CA LYS A 284 3.79 -30.13 -11.27
C LYS A 284 4.57 -31.29 -11.90
N HIS A 285 5.78 -30.99 -12.38
CA HIS A 285 6.67 -31.98 -13.02
C HIS A 285 8.12 -31.72 -12.64
N VAL A 286 9.01 -32.63 -13.04
CA VAL A 286 10.43 -32.50 -12.74
C VAL A 286 11.24 -33.18 -13.84
N VAL A 287 12.30 -32.51 -14.30
CA VAL A 287 13.14 -33.06 -15.36
C VAL A 287 14.61 -32.94 -14.98
N PRO A 288 15.03 -33.64 -13.91
CA PRO A 288 16.42 -33.62 -13.44
C PRO A 288 17.49 -33.69 -14.52
N VAL A 289 18.41 -32.72 -14.47
CA VAL A 289 19.56 -32.62 -15.40
C VAL A 289 20.81 -32.55 -14.52
N GLU A 290 21.69 -33.55 -14.63
CA GLU A 290 22.91 -33.58 -13.82
C GLU A 290 23.60 -32.24 -13.86
N SER A 291 24.61 -32.07 -13.00
CA SER A 291 25.36 -30.85 -12.98
C SER A 291 26.33 -30.89 -14.17
N GLY A 292 27.04 -31.99 -14.30
CA GLY A 292 28.00 -32.11 -15.38
C GLY A 292 27.40 -32.56 -16.70
N LEU A 293 28.28 -32.74 -17.67
CA LEU A 293 27.90 -33.16 -19.01
C LEU A 293 28.68 -34.42 -19.30
N GLY A 294 28.55 -34.93 -20.52
CA GLY A 294 29.26 -36.13 -20.91
C GLY A 294 30.46 -35.81 -21.77
N ARG A 295 31.59 -36.45 -21.48
CA ARG A 295 32.84 -36.22 -22.22
C ARG A 295 32.67 -36.07 -23.73
N GLU A 296 31.97 -37.02 -24.35
CA GLU A 296 31.76 -36.98 -25.80
C GLU A 296 31.17 -35.65 -26.27
N LYS A 297 30.27 -35.09 -25.48
CA LYS A 297 29.68 -33.80 -25.82
C LYS A 297 30.73 -32.74 -25.45
N GLY A 298 31.19 -32.78 -24.20
CA GLY A 298 32.19 -31.82 -23.76
C GLY A 298 33.24 -31.68 -24.83
N LEU A 299 33.62 -32.80 -25.41
CA LEU A 299 34.61 -32.83 -26.47
C LEU A 299 34.02 -32.10 -27.67
N GLU A 300 32.82 -32.52 -28.04
CA GLU A 300 32.11 -31.92 -29.15
C GLU A 300 32.28 -30.41 -29.01
N ILE A 301 31.94 -29.89 -27.83
CA ILE A 301 32.06 -28.47 -27.52
C ILE A 301 33.44 -27.93 -27.90
N LEU A 302 34.47 -28.49 -27.28
CA LEU A 302 35.84 -28.08 -27.55
C LEU A 302 36.03 -28.10 -29.05
N SER A 303 35.76 -29.26 -29.61
CA SER A 303 35.88 -29.49 -31.04
C SER A 303 35.33 -28.34 -31.88
N LEU A 304 34.08 -27.99 -31.62
CA LEU A 304 33.40 -26.92 -32.35
C LEU A 304 33.99 -25.54 -32.12
N PHE A 305 34.86 -25.43 -31.11
CA PHE A 305 35.50 -24.16 -30.79
C PHE A 305 36.85 -24.02 -31.47
N VAL A 306 37.64 -25.09 -31.43
CA VAL A 306 38.98 -25.09 -32.04
C VAL A 306 38.99 -25.52 -33.52
N ASN A 307 37.81 -25.85 -34.05
CA ASN A 307 37.69 -26.25 -35.44
C ASN A 307 38.36 -27.58 -35.76
N MET A 308 38.28 -28.52 -34.84
CA MET A 308 38.89 -29.82 -35.08
C MET A 308 37.77 -30.85 -35.02
N LYS A 309 38.03 -32.03 -34.45
CA LYS A 309 36.96 -33.03 -34.41
C LYS A 309 37.31 -34.30 -33.66
N LYS A 310 38.02 -34.16 -32.54
CA LYS A 310 38.44 -35.29 -31.71
C LYS A 310 39.66 -35.94 -32.34
N GLU A 311 39.80 -35.73 -33.65
CA GLU A 311 40.91 -36.27 -34.42
C GLU A 311 42.19 -35.58 -34.02
N ASP A 312 42.18 -34.26 -34.10
CA ASP A 312 43.36 -33.47 -33.72
C ASP A 312 43.23 -32.99 -32.26
N LEU A 313 42.15 -33.38 -31.58
CA LEU A 313 41.97 -32.96 -30.20
C LEU A 313 43.01 -33.65 -29.31
N PRO A 314 44.03 -32.88 -28.91
CA PRO A 314 45.14 -33.32 -28.05
C PRO A 314 44.76 -34.22 -26.88
N ALA A 315 45.77 -34.82 -26.26
CA ALA A 315 45.59 -35.72 -25.13
C ALA A 315 44.88 -35.07 -23.97
N GLU A 316 45.29 -33.85 -23.67
CA GLU A 316 44.73 -33.06 -22.58
C GLU A 316 43.20 -33.03 -22.63
N ALA A 317 42.67 -32.80 -23.83
CA ALA A 317 41.23 -32.72 -24.07
C ALA A 317 40.37 -33.56 -23.13
N HIS A 318 40.52 -34.89 -23.19
CA HIS A 318 39.73 -35.76 -22.33
C HIS A 318 39.96 -35.42 -20.86
N SER A 319 41.17 -34.94 -20.54
CA SER A 319 41.48 -34.59 -19.16
C SER A 319 40.97 -33.21 -18.79
N ILE A 320 41.04 -32.27 -19.73
CA ILE A 320 40.56 -30.92 -19.47
C ILE A 320 39.11 -30.99 -19.06
N ILE A 321 38.30 -31.56 -19.95
CA ILE A 321 36.89 -31.71 -19.68
C ILE A 321 36.73 -32.26 -18.26
N LYS A 322 37.34 -33.40 -17.99
CA LYS A 322 37.26 -34.01 -16.66
C LYS A 322 37.53 -33.00 -15.55
N GLU A 323 38.28 -31.94 -15.85
CA GLU A 323 38.60 -30.92 -14.87
C GLU A 323 37.50 -29.87 -14.80
N CYS A 324 37.01 -29.47 -15.96
CA CYS A 324 35.95 -28.47 -16.03
C CYS A 324 34.69 -29.10 -15.43
N LYS A 325 34.80 -30.38 -15.07
CA LYS A 325 33.68 -31.13 -14.49
C LYS A 325 32.44 -31.27 -15.37
N GLY A 326 32.59 -31.01 -16.67
CA GLY A 326 31.45 -31.14 -17.56
C GLY A 326 30.66 -29.88 -17.77
N SER A 327 30.61 -29.05 -16.73
CA SER A 327 29.89 -27.78 -16.79
C SER A 327 30.08 -27.14 -18.16
N PRO A 328 29.00 -27.01 -18.94
CA PRO A 328 29.11 -26.40 -20.27
C PRO A 328 29.70 -25.00 -20.23
N LEU A 329 29.47 -24.29 -19.13
CA LEU A 329 30.01 -22.94 -18.98
C LEU A 329 31.53 -23.01 -18.95
N VAL A 330 32.05 -23.71 -17.94
CA VAL A 330 33.49 -23.89 -17.76
C VAL A 330 34.13 -24.33 -19.08
N VAL A 331 33.68 -25.48 -19.59
CA VAL A 331 34.20 -26.04 -20.83
C VAL A 331 34.23 -24.98 -21.93
N SER A 332 33.07 -24.48 -22.30
CA SER A 332 32.98 -23.46 -23.34
C SER A 332 34.00 -22.33 -23.13
N LEU A 333 34.19 -21.91 -21.89
CA LEU A 333 35.15 -20.85 -21.58
C LEU A 333 36.53 -21.33 -21.99
N ILE A 334 36.95 -22.46 -21.44
CA ILE A 334 38.24 -23.05 -21.77
C ILE A 334 38.29 -23.21 -23.28
N GLY A 335 37.25 -23.82 -23.85
CA GLY A 335 37.18 -24.02 -25.29
C GLY A 335 37.41 -22.72 -26.07
N ALA A 336 37.00 -21.59 -25.49
CA ALA A 336 37.18 -20.30 -26.13
C ALA A 336 38.62 -19.83 -25.90
N LEU A 337 39.24 -20.42 -24.89
CA LEU A 337 40.63 -20.10 -24.56
C LEU A 337 41.55 -20.89 -25.49
N LEU A 338 41.31 -22.20 -25.55
CA LEU A 338 42.12 -23.09 -26.39
C LEU A 338 41.97 -22.74 -27.86
N ARG A 339 40.96 -21.94 -28.17
CA ARG A 339 40.71 -21.52 -29.54
C ARG A 339 41.49 -20.26 -29.86
N ASP A 340 41.62 -19.37 -28.88
CA ASP A 340 42.33 -18.12 -29.10
C ASP A 340 43.84 -18.24 -28.88
N PHE A 341 44.32 -19.45 -28.59
CA PHE A 341 45.74 -19.73 -28.35
C PHE A 341 45.97 -21.25 -28.58
N PRO A 342 45.97 -21.68 -29.84
CA PRO A 342 46.15 -23.08 -30.28
C PRO A 342 47.36 -23.89 -29.77
N ASN A 343 48.16 -23.34 -28.87
CA ASN A 343 49.34 -24.08 -28.41
C ASN A 343 49.21 -24.62 -27.00
N ARG A 344 48.95 -23.71 -26.07
CA ARG A 344 48.82 -24.02 -24.65
C ARG A 344 47.91 -25.17 -24.27
N TRP A 345 47.46 -25.95 -25.25
CA TRP A 345 46.59 -27.07 -24.96
C TRP A 345 46.99 -27.82 -23.68
N ALA A 346 48.29 -28.05 -23.49
CA ALA A 346 48.78 -28.76 -22.30
C ALA A 346 49.17 -27.77 -21.21
N TYR A 347 49.47 -26.56 -21.63
CA TYR A 347 49.83 -25.51 -20.70
C TYR A 347 48.64 -25.30 -19.79
N TYR A 348 47.47 -25.18 -20.39
CA TYR A 348 46.23 -24.96 -19.65
C TYR A 348 45.71 -26.14 -18.86
N LEU A 349 45.86 -27.34 -19.41
CA LEU A 349 45.41 -28.51 -18.67
C LEU A 349 46.11 -28.40 -17.32
N ARG A 350 47.31 -27.81 -17.34
CA ARG A 350 48.15 -27.62 -16.16
C ARG A 350 47.59 -26.58 -15.20
N GLN A 351 47.13 -25.46 -15.74
CA GLN A 351 46.56 -24.41 -14.91
C GLN A 351 45.29 -24.93 -14.25
N LEU A 352 44.51 -25.67 -15.03
CA LEU A 352 43.26 -26.25 -14.53
C LEU A 352 43.56 -27.36 -13.54
N GLN A 353 44.70 -28.03 -13.71
CA GLN A 353 45.10 -29.10 -12.80
C GLN A 353 45.07 -28.53 -11.38
N ASN A 354 45.83 -27.45 -11.20
CA ASN A 354 45.93 -26.77 -9.92
C ASN A 354 45.26 -25.39 -10.01
N LYS A 355 44.10 -25.28 -9.37
CA LYS A 355 43.33 -24.04 -9.34
C LYS A 355 44.07 -23.00 -8.47
N GLN A 356 44.92 -22.21 -9.11
CA GLN A 356 45.73 -21.20 -8.43
C GLN A 356 45.03 -19.88 -8.14
N PHE A 357 43.70 -19.91 -8.05
CA PHE A 357 42.94 -18.71 -7.75
C PHE A 357 42.71 -18.62 -6.26
N LYS A 358 43.02 -17.46 -5.68
CA LYS A 358 42.87 -17.25 -4.25
C LYS A 358 41.81 -16.23 -3.89
N ARG A 359 40.70 -16.74 -3.35
CA ARG A 359 39.57 -15.92 -2.93
C ARG A 359 39.41 -16.05 -1.43
N ILE A 360 38.93 -14.99 -0.79
CA ILE A 360 38.68 -15.02 0.65
C ILE A 360 37.65 -16.15 0.83
N ARG A 361 37.13 -16.34 2.05
CA ARG A 361 36.16 -17.41 2.29
C ARG A 361 36.55 -18.67 1.53
N LYS A 362 37.85 -19.00 1.59
CA LYS A 362 38.36 -20.20 0.92
C LYS A 362 37.33 -21.32 1.14
N SER A 363 37.43 -21.94 2.31
CA SER A 363 36.54 -23.03 2.72
C SER A 363 36.01 -23.92 1.60
N SER A 364 34.68 -24.04 1.50
CA SER A 364 34.06 -24.91 0.50
C SER A 364 33.34 -24.22 -0.69
N SER A 365 34.13 -23.58 -1.56
CA SER A 365 33.57 -22.91 -2.74
C SER A 365 33.28 -23.97 -3.77
N TYR A 366 32.08 -24.55 -3.68
CA TYR A 366 31.63 -25.61 -4.57
C TYR A 366 31.99 -25.42 -6.05
N ASP A 367 30.96 -25.19 -6.88
CA ASP A 367 31.10 -25.02 -8.32
C ASP A 367 32.15 -24.00 -8.74
N TYR A 368 32.67 -23.26 -7.78
CA TYR A 368 33.68 -22.25 -8.04
C TYR A 368 34.94 -22.84 -8.65
N GLU A 369 35.70 -23.54 -7.82
CA GLU A 369 36.93 -24.17 -8.21
C GLU A 369 37.21 -24.12 -9.73
N ALA A 370 36.57 -25.01 -10.47
CA ALA A 370 36.76 -25.08 -11.93
C ALA A 370 36.41 -23.80 -12.68
N LEU A 371 35.35 -23.13 -12.26
CA LEU A 371 34.94 -21.89 -12.90
C LEU A 371 35.89 -20.75 -12.61
N ASP A 372 36.01 -20.38 -11.33
CA ASP A 372 36.89 -19.29 -10.96
C ASP A 372 38.14 -19.36 -11.81
N GLU A 373 38.71 -20.55 -11.97
CA GLU A 373 39.90 -20.69 -12.77
C GLU A 373 39.65 -20.29 -14.21
N ALA A 374 38.82 -21.08 -14.89
CA ALA A 374 38.49 -20.78 -16.28
C ALA A 374 38.48 -19.27 -16.44
N MET A 375 37.72 -18.60 -15.59
CA MET A 375 37.64 -17.15 -15.67
C MET A 375 39.01 -16.54 -15.49
N SER A 376 39.58 -16.75 -14.30
CA SER A 376 40.90 -16.23 -13.94
C SER A 376 41.81 -16.11 -15.15
N ILE A 377 41.93 -17.22 -15.89
CA ILE A 377 42.78 -17.28 -17.07
C ILE A 377 42.30 -16.44 -18.24
N SER A 378 41.19 -16.83 -18.85
CA SER A 378 40.66 -16.09 -19.99
C SER A 378 40.76 -14.59 -19.75
N VAL A 379 40.34 -14.14 -18.56
CA VAL A 379 40.38 -12.70 -18.20
C VAL A 379 41.78 -12.13 -18.36
N GLU A 380 42.71 -12.71 -17.62
CA GLU A 380 44.11 -12.31 -17.67
C GLU A 380 44.60 -12.30 -19.12
N MET A 381 43.95 -13.06 -19.99
CA MET A 381 44.38 -13.12 -21.38
C MET A 381 43.73 -12.14 -22.32
N LEU A 382 42.83 -11.30 -21.81
CA LEU A 382 42.18 -10.31 -22.66
C LEU A 382 43.24 -9.31 -23.09
N ARG A 383 43.00 -8.57 -24.17
CA ARG A 383 43.98 -7.60 -24.62
C ARG A 383 44.10 -6.42 -23.63
N GLU A 384 45.27 -5.80 -23.57
CA GLU A 384 45.53 -4.69 -22.64
C GLU A 384 44.91 -3.33 -22.93
N ASP A 385 43.67 -3.32 -23.40
CA ASP A 385 42.97 -2.07 -23.67
C ASP A 385 41.50 -2.30 -23.40
N ILE A 386 41.07 -3.55 -23.57
CA ILE A 386 39.69 -3.95 -23.34
C ILE A 386 39.64 -4.68 -22.00
N LYS A 387 40.82 -4.86 -21.40
CA LYS A 387 40.93 -5.57 -20.13
C LYS A 387 40.44 -4.70 -18.97
N ASP A 388 40.64 -3.39 -19.08
CA ASP A 388 40.19 -2.49 -18.03
C ASP A 388 38.67 -2.48 -18.12
N TYR A 389 38.16 -2.50 -19.35
CA TYR A 389 36.73 -2.50 -19.60
C TYR A 389 35.99 -3.63 -18.91
N TYR A 390 36.37 -4.87 -19.20
CA TYR A 390 35.72 -6.02 -18.60
C TYR A 390 35.72 -5.91 -17.08
N THR A 391 36.73 -5.24 -16.54
CA THR A 391 36.83 -5.06 -15.11
C THR A 391 35.61 -4.29 -14.58
N ASP A 392 35.23 -3.23 -15.28
CA ASP A 392 34.09 -2.44 -14.85
C ASP A 392 32.82 -3.27 -14.67
N LEU A 393 32.62 -4.26 -15.53
CA LEU A 393 31.43 -5.11 -15.43
C LEU A 393 31.33 -5.88 -14.11
N SER A 394 32.15 -5.50 -13.15
CA SER A 394 32.11 -6.15 -11.85
C SER A 394 30.92 -5.61 -11.07
N ILE A 395 30.33 -4.54 -11.60
CA ILE A 395 29.19 -3.89 -10.97
C ILE A 395 27.93 -4.01 -11.82
N LEU A 396 27.61 -5.23 -12.20
CA LEU A 396 26.44 -5.50 -12.98
C LEU A 396 25.94 -6.70 -12.21
N GLN A 397 24.73 -6.61 -11.65
CA GLN A 397 24.18 -7.70 -10.83
C GLN A 397 23.62 -8.91 -11.51
N LYS A 398 23.59 -10.01 -10.77
CA LYS A 398 23.08 -11.26 -11.28
C LYS A 398 21.65 -11.10 -11.76
N ASP A 399 21.33 -11.77 -12.86
CA ASP A 399 20.00 -11.75 -13.45
C ASP A 399 19.50 -10.32 -13.74
N VAL A 400 20.38 -9.49 -14.31
CA VAL A 400 20.14 -8.09 -14.69
C VAL A 400 20.78 -7.81 -16.08
N LYS A 401 19.96 -7.54 -17.07
CA LYS A 401 20.48 -7.29 -18.42
C LYS A 401 20.65 -5.78 -18.67
N VAL A 402 21.87 -5.34 -18.97
CA VAL A 402 22.13 -3.93 -19.21
C VAL A 402 22.00 -3.55 -20.68
N PRO A 403 21.53 -2.34 -20.98
CA PRO A 403 21.37 -1.89 -22.36
C PRO A 403 22.53 -1.02 -22.87
N THR A 404 23.03 -1.37 -24.04
CA THR A 404 24.13 -0.70 -24.71
C THR A 404 24.51 0.66 -24.19
N LYS A 405 23.52 1.54 -24.09
CA LYS A 405 23.77 2.91 -23.65
C LYS A 405 24.29 3.08 -22.22
N VAL A 406 23.83 2.23 -21.29
CA VAL A 406 24.27 2.37 -19.91
C VAL A 406 25.78 2.38 -19.85
N LEU A 407 26.38 1.67 -20.79
CA LEU A 407 27.83 1.58 -20.88
C LEU A 407 28.44 2.74 -21.61
N CYS A 408 27.72 3.26 -22.60
CA CYS A 408 28.23 4.41 -23.36
C CYS A 408 28.53 5.54 -22.40
N VAL A 409 27.64 5.73 -21.42
CA VAL A 409 27.81 6.79 -20.43
C VAL A 409 28.97 6.50 -19.51
N LEU A 410 29.21 5.21 -19.30
CA LEU A 410 30.29 4.79 -18.44
C LEU A 410 31.62 5.06 -19.14
N TRP A 411 31.70 4.64 -20.39
CA TRP A 411 32.93 4.77 -21.15
C TRP A 411 33.08 5.96 -22.11
N ASP A 412 32.07 6.82 -22.21
CA ASP A 412 32.17 7.97 -23.13
C ASP A 412 32.37 7.50 -24.56
N LEU A 413 31.57 6.53 -24.99
CA LEU A 413 31.69 6.01 -26.35
C LEU A 413 30.30 6.00 -26.98
N GLU A 414 30.17 5.31 -28.11
CA GLU A 414 28.89 5.23 -28.80
C GLU A 414 28.54 3.87 -29.37
N THR A 415 27.27 3.52 -29.19
CA THR A 415 26.69 2.27 -29.63
C THR A 415 27.60 1.27 -30.33
N GLU A 416 27.91 1.50 -31.62
CA GLU A 416 28.77 0.58 -32.35
C GLU A 416 30.02 0.20 -31.56
N GLU A 417 30.81 1.21 -31.17
CA GLU A 417 32.04 0.97 -30.43
C GLU A 417 31.78 0.16 -29.17
N VAL A 418 30.93 0.68 -28.30
CA VAL A 418 30.58 0.01 -27.06
C VAL A 418 30.09 -1.41 -27.35
N GLU A 419 29.55 -1.64 -28.54
CA GLU A 419 29.04 -2.95 -28.95
C GLU A 419 30.15 -3.87 -29.42
N ASP A 420 31.13 -3.29 -30.12
CA ASP A 420 32.26 -4.02 -30.65
C ASP A 420 33.08 -4.53 -29.49
N ILE A 421 33.41 -3.63 -28.57
CA ILE A 421 34.16 -4.00 -27.39
C ILE A 421 33.49 -5.21 -26.77
N LEU A 422 32.27 -5.01 -26.27
CA LEU A 422 31.52 -6.07 -25.62
C LEU A 422 31.39 -7.34 -26.46
N GLN A 423 31.44 -7.20 -27.78
CA GLN A 423 31.34 -8.36 -28.64
C GLN A 423 32.50 -9.29 -28.31
N GLU A 424 33.71 -8.73 -28.36
CA GLU A 424 34.92 -9.49 -28.07
C GLU A 424 34.71 -10.36 -26.83
N PHE A 425 33.92 -9.85 -25.88
CA PHE A 425 33.63 -10.58 -24.66
C PHE A 425 32.65 -11.72 -24.88
N VAL A 426 31.51 -11.41 -25.50
CA VAL A 426 30.49 -12.42 -25.74
C VAL A 426 31.04 -13.58 -26.55
N ASN A 427 31.92 -13.22 -27.48
CA ASN A 427 32.55 -14.17 -28.35
C ASN A 427 33.41 -15.14 -27.52
N LYS A 428 34.11 -14.58 -26.54
CA LYS A 428 35.00 -15.34 -25.68
C LYS A 428 34.24 -15.96 -24.49
N SER A 429 32.92 -15.76 -24.46
CA SER A 429 32.06 -16.29 -23.40
C SER A 429 32.25 -15.61 -22.05
N LEU A 430 32.50 -14.31 -22.07
CA LEU A 430 32.70 -13.56 -20.84
C LEU A 430 31.53 -12.64 -20.60
N LEU A 431 30.60 -12.64 -21.55
CA LEU A 431 29.42 -11.77 -21.48
C LEU A 431 28.35 -12.39 -22.36
N PHE A 432 27.11 -11.94 -22.21
CA PHE A 432 26.03 -12.47 -23.04
C PHE A 432 25.13 -11.34 -23.52
N CYS A 433 24.41 -11.57 -24.61
CA CYS A 433 23.50 -10.58 -25.12
C CYS A 433 22.33 -11.21 -25.85
N ASN A 434 21.32 -10.38 -26.09
CA ASN A 434 20.14 -10.80 -26.80
C ASN A 434 19.47 -9.51 -27.26
N ARG A 435 18.59 -9.62 -28.25
CA ARG A 435 17.89 -8.48 -28.81
C ARG A 435 16.89 -7.82 -27.86
N ASN A 436 16.67 -6.53 -28.09
CA ASN A 436 15.73 -5.74 -27.32
C ASN A 436 14.97 -4.98 -28.38
N GLY A 437 15.46 -5.08 -29.61
CA GLY A 437 14.85 -4.39 -30.74
C GLY A 437 15.92 -3.48 -31.30
N LYS A 438 16.80 -4.05 -32.13
CA LYS A 438 17.92 -3.35 -32.75
C LYS A 438 18.90 -2.95 -31.66
N SER A 439 18.36 -2.58 -30.49
CA SER A 439 19.17 -2.21 -29.33
C SER A 439 19.48 -3.47 -28.56
N PHE A 440 20.72 -3.55 -28.08
CA PHE A 440 21.15 -4.73 -27.36
C PHE A 440 21.45 -4.46 -25.89
N CYS A 441 21.09 -5.45 -25.07
CA CYS A 441 21.36 -5.39 -23.65
C CYS A 441 22.14 -6.68 -23.37
N TYR A 442 23.13 -6.61 -22.48
CA TYR A 442 23.99 -7.74 -22.15
C TYR A 442 23.96 -8.15 -20.69
N TYR A 443 24.03 -9.46 -20.44
CA TYR A 443 24.05 -9.93 -19.05
C TYR A 443 25.31 -10.72 -18.76
N LEU A 444 25.38 -11.23 -17.53
CA LEU A 444 26.54 -11.97 -17.07
C LEU A 444 25.99 -13.17 -16.29
N HIS A 445 26.55 -14.37 -16.50
CA HIS A 445 26.03 -15.52 -15.77
C HIS A 445 26.31 -15.39 -14.31
N ASP A 446 25.32 -15.76 -13.47
CA ASP A 446 25.46 -15.66 -12.02
C ASP A 446 26.91 -15.90 -11.59
N LEU A 447 27.39 -17.14 -11.73
CA LEU A 447 28.75 -17.49 -11.34
C LEU A 447 29.83 -16.46 -11.74
N GLN A 448 29.75 -15.96 -12.98
CA GLN A 448 30.72 -15.00 -13.46
C GLN A 448 30.68 -13.73 -12.62
N VAL A 449 29.51 -13.42 -12.07
CA VAL A 449 29.39 -12.23 -11.24
C VAL A 449 30.08 -12.52 -9.91
N ASP A 450 29.82 -13.69 -9.34
CA ASP A 450 30.47 -14.04 -8.09
C ASP A 450 31.98 -14.05 -8.27
N PHE A 451 32.41 -14.42 -9.46
CA PHE A 451 33.83 -14.42 -9.77
C PHE A 451 34.31 -12.98 -9.59
N LEU A 452 33.92 -12.13 -10.55
CA LEU A 452 34.28 -10.73 -10.56
C LEU A 452 34.15 -10.00 -9.25
N THR A 453 33.03 -10.19 -8.57
CA THR A 453 32.82 -9.50 -7.30
C THR A 453 33.89 -9.93 -6.29
N GLU A 454 34.40 -11.14 -6.45
CA GLU A 454 35.44 -11.60 -5.54
C GLU A 454 36.79 -11.08 -6.04
N LYS A 455 37.10 -11.34 -7.31
CA LYS A 455 38.36 -10.89 -7.88
C LYS A 455 38.55 -9.42 -7.55
N ASN A 456 37.89 -8.56 -8.30
CA ASN A 456 38.00 -7.13 -8.12
C ASN A 456 37.21 -6.62 -6.91
N ARG A 457 37.29 -7.37 -5.81
CA ARG A 457 36.64 -7.07 -4.54
C ARG A 457 36.94 -5.66 -4.06
N SER A 458 38.19 -5.45 -3.68
CA SER A 458 38.67 -4.17 -3.17
C SER A 458 38.42 -2.98 -4.09
N GLN A 459 37.97 -3.22 -5.31
CA GLN A 459 37.75 -2.12 -6.24
C GLN A 459 36.28 -1.80 -6.50
N LEU A 460 35.39 -2.65 -6.00
CA LEU A 460 33.95 -2.47 -6.19
C LEU A 460 33.40 -1.11 -5.80
N GLN A 461 33.82 -0.61 -4.65
CA GLN A 461 33.35 0.69 -4.18
C GLN A 461 33.62 1.82 -5.15
N ASP A 462 34.74 1.75 -5.86
CA ASP A 462 35.07 2.80 -6.80
C ASP A 462 34.31 2.71 -8.10
N LEU A 463 34.08 1.50 -8.57
CA LEU A 463 33.36 1.32 -9.82
C LEU A 463 31.94 1.89 -9.68
N HIS A 464 31.33 1.71 -8.52
CA HIS A 464 29.99 2.24 -8.31
C HIS A 464 30.06 3.76 -8.20
N ARG A 465 31.26 4.30 -7.99
CA ARG A 465 31.40 5.75 -7.93
C ARG A 465 31.80 6.31 -9.30
N LYS A 466 32.46 5.49 -10.13
CA LYS A 466 32.86 5.88 -11.49
C LYS A 466 31.57 5.94 -12.30
N MET A 467 30.62 5.11 -11.89
CA MET A 467 29.30 5.10 -12.49
C MET A 467 28.75 6.26 -11.68
N VAL A 468 27.52 6.69 -11.90
CA VAL A 468 26.96 7.83 -11.18
C VAL A 468 27.67 9.11 -11.63
N THR A 469 29.01 9.10 -11.56
CA THR A 469 29.80 10.23 -11.98
C THR A 469 29.57 10.38 -13.48
N GLN A 470 29.60 9.24 -14.16
CA GLN A 470 29.38 9.15 -15.61
C GLN A 470 27.90 9.33 -15.95
N PHE A 471 27.08 9.39 -14.91
CA PHE A 471 25.65 9.58 -15.06
C PHE A 471 25.32 11.06 -14.89
N GLN A 472 26.22 11.79 -14.24
CA GLN A 472 26.05 13.23 -14.00
C GLN A 472 26.82 14.02 -15.05
N ARG A 473 27.65 13.31 -15.80
CA ARG A 473 28.43 13.94 -16.84
C ARG A 473 27.57 13.99 -18.09
N TYR A 474 26.58 13.10 -18.16
CA TYR A 474 25.70 13.03 -19.32
C TYR A 474 24.24 13.36 -19.05
N TYR A 475 23.73 12.88 -17.92
CA TYR A 475 22.32 13.09 -17.58
C TYR A 475 22.09 14.02 -16.39
N GLN A 476 20.82 14.07 -16.00
CA GLN A 476 20.30 14.86 -14.87
C GLN A 476 19.31 13.92 -14.14
N PRO A 477 19.25 13.98 -12.81
CA PRO A 477 18.30 13.08 -12.14
C PRO A 477 16.85 13.20 -12.68
N HIS A 478 16.32 14.43 -12.66
CA HIS A 478 14.95 14.72 -13.11
C HIS A 478 14.86 15.22 -14.57
N THR A 479 15.52 14.52 -15.50
CA THR A 479 15.49 14.92 -16.92
C THR A 479 15.56 13.68 -17.81
N LEU A 480 15.46 12.51 -17.19
CA LEU A 480 15.52 11.25 -17.93
C LEU A 480 14.27 10.94 -18.72
N SER A 481 14.16 11.52 -19.92
CA SER A 481 12.99 11.26 -20.75
C SER A 481 12.86 9.76 -21.00
N PRO A 482 11.73 9.17 -20.57
CA PRO A 482 11.36 7.76 -20.68
C PRO A 482 11.34 7.09 -22.05
N ASP A 483 12.22 7.50 -22.95
CA ASP A 483 12.31 6.90 -24.29
C ASP A 483 13.72 6.28 -24.44
N GLN A 484 14.65 6.74 -23.59
CA GLN A 484 16.03 6.28 -23.57
C GLN A 484 16.08 4.82 -23.19
N GLU A 485 16.72 3.99 -24.00
CA GLU A 485 16.84 2.57 -23.71
C GLU A 485 17.21 2.38 -22.24
N ASP A 486 18.17 3.20 -21.80
CA ASP A 486 18.68 3.16 -20.43
C ASP A 486 17.77 3.74 -19.38
N CYS A 487 16.74 4.47 -19.81
CA CYS A 487 15.82 5.08 -18.87
C CYS A 487 15.67 4.25 -17.61
N MET A 488 14.79 3.24 -17.68
CA MET A 488 14.54 2.37 -16.54
C MET A 488 15.80 2.17 -15.73
N TYR A 489 16.76 1.42 -16.28
CA TYR A 489 18.00 1.13 -15.55
C TYR A 489 18.27 2.20 -14.48
N TRP A 490 18.46 3.44 -14.90
CA TRP A 490 18.76 4.50 -13.95
C TRP A 490 17.82 4.65 -12.77
N TYR A 491 16.54 4.83 -13.05
CA TYR A 491 15.58 5.02 -11.97
C TYR A 491 15.76 4.00 -10.89
N ASN A 492 15.57 2.74 -11.24
CA ASN A 492 15.69 1.66 -10.27
C ASN A 492 17.11 1.13 -10.06
N PHE A 493 18.11 2.03 -10.05
CA PHE A 493 19.50 1.64 -9.84
C PHE A 493 20.43 2.78 -9.51
N LEU A 494 20.21 3.93 -10.12
CA LEU A 494 21.07 5.07 -9.83
C LEU A 494 21.13 5.30 -8.33
N ALA A 495 20.00 5.11 -7.66
CA ALA A 495 19.91 5.30 -6.23
C ALA A 495 20.72 4.24 -5.46
N TYR A 496 20.90 3.09 -6.11
CA TYR A 496 21.65 1.99 -5.52
C TYR A 496 23.12 2.17 -5.70
N HIS A 497 23.55 2.37 -6.94
CA HIS A 497 24.95 2.56 -7.25
C HIS A 497 25.58 3.59 -6.32
N MET A 498 24.86 4.70 -6.09
CA MET A 498 25.36 5.77 -5.22
C MET A 498 25.65 5.25 -3.83
N ALA A 499 24.70 4.54 -3.25
CA ALA A 499 24.87 3.98 -1.93
C ALA A 499 25.93 2.91 -1.98
N SER A 500 25.85 2.09 -3.02
CA SER A 500 26.78 1.01 -3.23
C SER A 500 28.21 1.55 -3.34
N ALA A 501 28.33 2.86 -3.26
CA ALA A 501 29.64 3.52 -3.33
C ALA A 501 29.79 4.40 -2.09
N ASN A 502 28.74 4.44 -1.28
CA ASN A 502 28.73 5.22 -0.06
C ASN A 502 29.01 6.70 -0.37
N MET A 503 27.98 7.41 -0.82
CA MET A 503 28.11 8.82 -1.16
C MET A 503 27.04 9.69 -0.47
N HIS A 504 27.19 9.93 0.82
CA HIS A 504 26.22 10.73 1.59
C HIS A 504 25.69 11.91 0.78
N LYS A 505 26.60 12.77 0.33
CA LYS A 505 26.23 13.94 -0.46
C LYS A 505 25.44 13.54 -1.68
N GLU A 506 26.11 12.88 -2.62
CA GLU A 506 25.46 12.43 -3.83
C GLU A 506 24.03 11.89 -3.62
N LEU A 507 23.91 10.84 -2.80
CA LEU A 507 22.62 10.20 -2.52
C LEU A 507 21.57 11.12 -1.93
N CYS A 508 21.83 11.70 -0.75
CA CYS A 508 20.86 12.59 -0.14
C CYS A 508 20.33 13.53 -1.21
N ALA A 509 21.19 13.90 -2.16
CA ALA A 509 20.81 14.80 -3.23
C ALA A 509 19.71 14.25 -4.14
N LEU A 510 19.74 12.95 -4.44
CA LEU A 510 18.75 12.33 -5.32
C LEU A 510 17.46 11.90 -4.63
N MET A 511 17.55 11.48 -3.37
CA MET A 511 16.39 11.02 -2.62
C MET A 511 15.75 12.06 -1.69
N PHE A 512 16.28 13.27 -1.64
CA PHE A 512 15.69 14.30 -0.81
C PHE A 512 15.17 15.36 -1.76
N SER A 513 14.88 14.93 -2.98
CA SER A 513 14.36 15.81 -4.01
C SER A 513 12.89 15.59 -4.23
N LEU A 514 12.12 16.66 -4.26
CA LEU A 514 10.71 16.53 -4.50
C LEU A 514 10.59 16.00 -5.93
N ASP A 515 11.42 16.56 -6.81
CA ASP A 515 11.44 16.23 -8.23
C ASP A 515 11.76 14.79 -8.61
N TRP A 516 12.63 14.14 -7.83
CA TRP A 516 12.95 12.75 -8.10
C TRP A 516 11.68 12.01 -7.67
N ILE A 517 11.20 12.31 -6.46
CA ILE A 517 9.99 11.68 -5.94
C ILE A 517 8.95 11.62 -7.04
N LYS A 518 8.60 12.78 -7.58
CA LYS A 518 7.63 12.85 -8.66
C LYS A 518 8.14 12.01 -9.82
N ALA A 519 9.24 12.50 -10.40
CA ALA A 519 9.88 11.86 -11.52
C ALA A 519 9.70 10.34 -11.51
N LYS A 520 10.30 9.71 -10.51
CA LYS A 520 10.26 8.25 -10.37
C LYS A 520 8.86 7.66 -10.15
N THR A 521 8.21 8.06 -9.06
CA THR A 521 6.87 7.56 -8.72
C THR A 521 5.89 7.52 -9.87
N GLU A 522 5.83 8.60 -10.64
CA GLU A 522 4.92 8.66 -11.79
C GLU A 522 5.20 7.53 -12.78
N LEU A 523 6.45 7.12 -12.81
CA LEU A 523 6.88 6.06 -13.71
C LEU A 523 6.72 4.64 -13.16
N VAL A 524 7.09 4.40 -11.90
CA VAL A 524 6.98 3.06 -11.34
C VAL A 524 6.38 2.94 -9.96
N GLY A 525 5.48 3.83 -9.59
CA GLY A 525 4.89 3.74 -8.28
C GLY A 525 5.83 4.29 -7.24
N PRO A 526 5.48 4.19 -5.95
CA PRO A 526 6.35 4.70 -4.89
C PRO A 526 6.86 3.46 -4.20
N ALA A 527 6.35 2.34 -4.66
CA ALA A 527 6.72 1.05 -4.11
C ALA A 527 8.22 0.90 -3.86
N HIS A 528 9.02 1.23 -4.87
CA HIS A 528 10.46 1.11 -4.73
C HIS A 528 11.02 2.16 -3.76
N LEU A 529 10.97 3.43 -4.18
CA LEU A 529 11.46 4.55 -3.39
C LEU A 529 11.20 4.39 -1.90
N ILE A 530 10.09 3.74 -1.55
CA ILE A 530 9.71 3.53 -0.17
C ILE A 530 10.68 2.56 0.48
N HIS A 531 10.97 1.48 -0.22
CA HIS A 531 11.91 0.48 0.25
C HIS A 531 13.25 1.19 0.44
N GLU A 532 13.75 1.78 -0.65
CA GLU A 532 15.02 2.49 -0.67
C GLU A 532 15.28 3.35 0.57
N PHE A 533 14.42 4.31 0.85
CA PHE A 533 14.60 5.17 2.02
C PHE A 533 14.95 4.38 3.26
N VAL A 534 14.36 3.19 3.39
CA VAL A 534 14.60 2.35 4.53
C VAL A 534 15.92 1.63 4.37
N ALA A 535 16.16 1.08 3.19
CA ALA A 535 17.41 0.37 2.94
C ALA A 535 18.60 1.30 3.14
N TYR A 536 18.62 2.43 2.42
CA TYR A 536 19.73 3.37 2.52
C TYR A 536 19.60 4.41 3.61
N ARG A 537 19.00 4.05 4.72
CA ARG A 537 18.88 4.97 5.82
C ARG A 537 20.25 5.02 6.47
N HIS A 538 20.78 3.84 6.78
CA HIS A 538 22.08 3.73 7.44
C HIS A 538 23.13 4.70 6.96
N ILE A 539 23.10 5.05 5.68
CA ILE A 539 24.08 5.98 5.12
C ILE A 539 23.43 7.34 4.88
N LEU A 540 22.23 7.30 4.31
CA LEU A 540 21.46 8.48 3.98
C LEU A 540 21.40 9.48 5.12
N ASP A 541 20.29 9.43 5.85
CA ASP A 541 20.01 10.32 6.97
C ASP A 541 20.91 10.07 8.17
N GLU A 542 22.03 10.77 8.21
CA GLU A 542 22.97 10.64 9.30
C GLU A 542 22.95 11.93 10.09
N LYS A 543 24.13 12.37 10.54
CA LYS A 543 24.26 13.60 11.28
C LYS A 543 23.22 13.64 12.41
N ASP A 544 22.39 14.67 12.36
CA ASP A 544 21.30 14.89 13.32
C ASP A 544 19.99 14.96 12.51
N CYS A 545 20.05 15.68 11.39
CA CYS A 545 18.91 15.89 10.50
C CYS A 545 17.97 14.70 10.33
N ALA A 546 16.67 15.00 10.31
CA ALA A 546 15.65 14.00 10.13
C ALA A 546 14.99 14.38 8.82
N VAL A 547 15.79 14.95 7.92
CA VAL A 547 15.32 15.35 6.62
C VAL A 547 14.85 14.09 5.91
N CYS A 548 14.93 12.98 6.64
CA CYS A 548 14.53 11.69 6.13
C CYS A 548 13.07 11.43 6.53
N GLU A 549 12.84 11.14 7.82
CA GLU A 549 11.48 10.89 8.30
C GLU A 549 10.50 11.75 7.53
N ASN A 550 10.85 13.01 7.34
CA ASN A 550 10.00 13.93 6.60
C ASN A 550 9.65 13.32 5.26
N PHE A 551 10.65 13.06 4.44
CA PHE A 551 10.43 12.44 3.16
C PHE A 551 9.87 11.05 3.35
N GLN A 552 10.22 10.43 4.46
CA GLN A 552 9.75 9.10 4.74
C GLN A 552 8.26 9.17 5.10
N GLU A 553 7.90 10.00 6.10
CA GLU A 553 6.51 10.15 6.51
C GLU A 553 5.72 10.71 5.33
N PHE A 554 6.42 11.43 4.46
CA PHE A 554 5.78 11.98 3.29
C PHE A 554 5.33 10.81 2.40
N LEU A 555 6.25 9.89 2.14
CA LEU A 555 5.91 8.74 1.31
C LEU A 555 4.87 7.81 1.94
N SER A 556 4.52 8.05 3.18
CA SER A 556 3.51 7.19 3.78
C SER A 556 2.11 7.75 3.58
N LEU A 557 1.87 9.00 3.98
CA LEU A 557 0.54 9.58 3.82
C LEU A 557 0.09 9.51 2.35
N ASN A 558 0.73 10.32 1.52
CA ASN A 558 0.38 10.36 0.10
C ASN A 558 0.90 9.18 -0.69
N GLY A 559 1.21 8.10 0.01
CA GLY A 559 1.70 6.93 -0.69
C GLY A 559 0.72 6.52 -1.74
N HIS A 560 -0.47 6.14 -1.30
CA HIS A 560 -1.54 5.69 -2.18
C HIS A 560 -1.76 6.48 -3.46
N LEU A 561 -1.43 7.77 -3.44
CA LEU A 561 -1.61 8.64 -4.60
C LEU A 561 -0.53 8.58 -5.65
N LEU A 562 0.71 8.68 -5.23
CA LEU A 562 1.84 8.66 -6.14
C LEU A 562 1.75 7.50 -7.12
N GLY A 563 2.07 7.80 -8.38
CA GLY A 563 2.05 6.78 -9.42
C GLY A 563 0.68 6.42 -9.95
N ARG A 564 -0.36 6.87 -9.26
CA ARG A 564 -1.73 6.61 -9.66
C ARG A 564 -2.20 7.78 -10.52
N GLN A 565 -2.50 7.50 -11.79
CA GLN A 565 -2.94 8.54 -12.71
C GLN A 565 -4.43 8.80 -12.57
N PRO A 566 -4.87 10.08 -12.68
CA PRO A 566 -4.14 11.33 -12.93
C PRO A 566 -3.18 11.66 -11.82
N PHE A 567 -1.90 11.70 -12.17
CA PHE A 567 -0.84 11.98 -11.21
C PHE A 567 -1.09 13.25 -10.42
N PRO A 568 -1.09 13.14 -9.08
CA PRO A 568 -1.31 14.26 -8.17
C PRO A 568 -0.25 15.32 -8.31
N ASN A 569 -0.61 16.57 -8.02
CA ASN A 569 0.37 17.63 -8.10
C ASN A 569 1.23 17.49 -6.88
N ILE A 570 2.39 16.89 -7.06
CA ILE A 570 3.32 16.65 -5.98
C ILE A 570 3.67 17.90 -5.18
N VAL A 571 3.25 19.06 -5.63
CA VAL A 571 3.61 20.26 -4.89
C VAL A 571 2.63 20.42 -3.72
N GLN A 572 1.34 20.38 -4.05
CA GLN A 572 0.28 20.52 -3.05
C GLN A 572 0.49 19.46 -1.96
N LEU A 573 0.57 18.21 -2.39
CA LEU A 573 0.79 17.08 -1.50
C LEU A 573 1.86 17.43 -0.46
N GLY A 574 2.80 18.27 -0.87
CA GLY A 574 3.88 18.67 0.02
C GLY A 574 3.49 19.85 0.87
N LEU A 575 2.86 20.84 0.26
CA LEU A 575 2.43 22.01 0.98
C LEU A 575 1.67 21.55 2.22
N CYS A 576 1.08 20.37 2.13
CA CYS A 576 0.30 19.81 3.22
C CYS A 576 1.11 19.21 4.36
N GLU A 577 2.42 19.44 4.38
CA GLU A 577 3.26 18.90 5.43
C GLU A 577 3.61 19.94 6.48
N PRO A 578 4.18 19.51 7.61
CA PRO A 578 4.55 20.43 8.69
C PRO A 578 5.41 21.55 8.14
N GLU A 579 5.41 22.69 8.83
CA GLU A 579 6.21 23.83 8.38
C GLU A 579 7.66 23.40 8.53
N THR A 580 7.97 22.80 9.67
CA THR A 580 9.29 22.32 10.01
C THR A 580 9.89 21.33 8.99
N SER A 581 9.03 20.61 8.27
CA SER A 581 9.49 19.61 7.31
C SER A 581 10.10 20.13 6.02
N GLU A 582 11.18 19.48 5.59
CA GLU A 582 11.86 19.84 4.37
C GLU A 582 10.92 19.66 3.18
N VAL A 583 10.06 18.64 3.25
CA VAL A 583 9.13 18.39 2.16
C VAL A 583 8.36 19.67 1.91
N TYR A 584 8.10 20.42 2.98
CA TYR A 584 7.37 21.67 2.83
C TYR A 584 8.25 22.75 2.22
N ARG A 585 9.36 23.05 2.88
CA ARG A 585 10.26 24.07 2.40
C ARG A 585 10.52 23.90 0.90
N GLN A 586 10.71 22.66 0.46
CA GLN A 586 10.96 22.40 -0.96
C GLN A 586 9.71 22.61 -1.81
N ALA A 587 8.54 22.48 -1.19
CA ALA A 587 7.25 22.64 -1.90
C ALA A 587 6.79 24.09 -1.89
N LYS A 588 7.17 24.81 -0.83
CA LYS A 588 6.81 26.21 -0.66
C LYS A 588 7.55 26.99 -1.74
N LEU A 589 8.83 26.69 -1.85
CA LEU A 589 9.67 27.33 -2.84
C LEU A 589 9.20 26.96 -4.24
N GLN A 590 9.18 25.67 -4.55
CA GLN A 590 8.73 25.20 -5.86
C GLN A 590 7.56 26.04 -6.36
N ALA A 591 6.74 26.49 -5.42
CA ALA A 591 5.55 27.30 -5.69
C ALA A 591 5.86 28.78 -5.89
N LYS A 592 6.47 29.39 -4.87
CA LYS A 592 6.83 30.80 -4.93
C LYS A 592 7.72 31.11 -6.13
N GLN A 593 8.07 30.07 -6.88
CA GLN A 593 8.89 30.22 -8.08
C GLN A 593 8.02 29.87 -9.26
N GLU A 594 7.16 30.82 -9.60
CA GLU A 594 6.22 30.72 -10.71
C GLU A 594 5.06 31.64 -10.38
N GLY A 595 5.20 32.39 -9.28
CA GLY A 595 4.17 33.32 -8.85
C GLY A 595 3.50 34.00 -10.02
N ASP A 596 2.20 33.76 -10.17
CA ASP A 596 1.37 34.31 -11.27
C ASP A 596 1.51 33.56 -12.60
N THR A 597 1.02 32.32 -12.62
CA THR A 597 1.05 31.50 -13.82
C THR A 597 -0.21 30.64 -13.91
N GLY A 598 -1.35 31.26 -13.57
CA GLY A 598 -2.65 30.61 -13.61
C GLY A 598 -2.81 29.31 -12.82
N ARG A 599 -2.09 29.19 -11.71
CA ARG A 599 -2.15 28.00 -10.86
C ARG A 599 -2.82 28.23 -9.51
N LEU A 600 -2.14 28.95 -8.61
CA LEU A 600 -2.68 29.21 -7.29
C LEU A 600 -2.74 27.94 -6.44
N TYR A 601 -1.82 27.82 -5.50
CA TYR A 601 -1.80 26.65 -4.64
C TYR A 601 -2.48 27.01 -3.34
N LEU A 602 -3.37 26.12 -2.88
CA LEU A 602 -4.10 26.30 -1.64
C LEU A 602 -3.17 26.04 -0.48
N GLU A 603 -3.51 26.51 0.71
CA GLU A 603 -2.64 26.24 1.86
C GLU A 603 -3.39 25.96 3.15
N TRP A 604 -3.09 24.79 3.72
CA TRP A 604 -3.71 24.31 4.94
C TRP A 604 -3.31 25.09 6.18
N ILE A 605 -4.03 26.15 6.48
CA ILE A 605 -3.73 26.97 7.64
C ILE A 605 -3.61 26.22 8.95
N ASN A 606 -4.59 25.42 9.29
CA ASN A 606 -4.53 24.71 10.55
C ASN A 606 -3.87 23.33 10.48
N LYS A 607 -3.10 23.07 9.42
CA LYS A 607 -2.42 21.78 9.27
C LYS A 607 -1.74 21.36 10.57
N LYS A 608 -1.42 22.36 11.38
CA LYS A 608 -0.77 22.17 12.66
C LYS A 608 -1.70 21.59 13.71
N THR A 609 -2.83 22.26 13.96
CA THR A 609 -3.79 21.79 14.97
C THR A 609 -4.03 20.30 14.85
N ILE A 610 -4.27 19.84 13.63
CA ILE A 610 -4.50 18.42 13.45
C ILE A 610 -3.17 17.73 13.77
N LYS A 611 -3.03 16.47 13.34
CA LYS A 611 -1.84 15.66 13.60
C LYS A 611 -1.70 15.35 15.10
N ASN A 612 -2.28 14.22 15.50
CA ASN A 612 -2.29 13.72 16.89
C ASN A 612 -0.87 13.39 17.38
N LEU A 613 0.13 13.89 16.66
CA LEU A 613 1.54 13.67 16.98
C LEU A 613 1.77 12.68 18.09
N SER A 614 1.91 11.40 17.74
CA SER A 614 2.16 10.35 18.72
C SER A 614 3.51 10.64 19.41
N ARG A 615 3.69 10.11 20.60
CA ARG A 615 4.93 10.38 21.28
C ARG A 615 6.13 9.77 20.59
N LEU A 616 5.91 8.96 19.56
CA LEU A 616 7.02 8.33 18.86
C LEU A 616 6.64 7.35 17.75
N VAL A 617 7.26 7.52 16.59
CA VAL A 617 7.03 6.67 15.43
C VAL A 617 8.33 5.86 15.17
N VAL A 618 8.18 4.56 14.84
CA VAL A 618 9.33 3.71 14.56
C VAL A 618 9.14 2.98 13.24
N ARG A 619 10.18 3.05 12.40
CA ARG A 619 10.18 2.42 11.07
C ARG A 619 11.38 1.46 10.94
N PRO A 620 11.20 0.17 11.27
CA PRO A 620 12.28 -0.80 11.18
C PRO A 620 12.03 -1.92 10.19
N HIS A 621 10.92 -1.86 9.45
CA HIS A 621 10.62 -2.92 8.48
C HIS A 621 10.52 -2.45 7.04
N THR A 622 10.53 -3.43 6.15
CA THR A 622 10.43 -3.20 4.72
C THR A 622 9.01 -3.54 4.23
N ASP A 623 8.26 -4.27 5.06
CA ASP A 623 6.91 -4.63 4.71
C ASP A 623 6.04 -4.64 5.96
N ALA A 624 4.74 -4.46 5.74
CA ALA A 624 3.72 -4.41 6.78
C ALA A 624 4.03 -5.08 8.11
N VAL A 625 3.82 -4.34 9.19
CA VAL A 625 4.03 -4.88 10.53
C VAL A 625 2.71 -5.54 10.90
N TYR A 626 2.75 -6.81 11.25
CA TYR A 626 1.53 -7.50 11.60
C TYR A 626 1.28 -7.62 13.09
N HIS A 627 2.23 -7.14 13.91
CA HIS A 627 2.10 -7.23 15.36
C HIS A 627 3.27 -6.58 16.12
N ALA A 628 3.05 -6.36 17.41
CA ALA A 628 4.04 -5.74 18.28
C ALA A 628 3.54 -5.92 19.69
N CYS A 629 4.45 -5.73 20.67
CA CYS A 629 4.10 -5.89 22.07
C CYS A 629 5.26 -5.48 22.99
N PHE A 630 4.91 -4.84 24.09
CA PHE A 630 5.88 -4.38 25.06
C PHE A 630 6.47 -5.54 25.82
N SER A 631 7.65 -5.32 26.39
CA SER A 631 8.30 -6.32 27.20
C SER A 631 7.61 -6.16 28.55
N GLN A 632 7.64 -7.18 29.38
CA GLN A 632 6.97 -7.07 30.67
C GLN A 632 7.36 -5.76 31.38
N ASP A 633 8.65 -5.42 31.38
CA ASP A 633 9.07 -4.19 32.04
C ASP A 633 8.65 -2.94 31.26
N GLY A 634 8.14 -3.14 30.06
CA GLY A 634 7.68 -2.01 29.26
C GLY A 634 8.76 -1.23 28.56
N GLN A 635 10.02 -1.50 28.89
CA GLN A 635 11.15 -0.81 28.27
C GLN A 635 11.35 -1.08 26.79
N ARG A 636 10.92 -2.25 26.33
CA ARG A 636 11.08 -2.63 24.93
C ARG A 636 9.80 -3.10 24.23
N ILE A 637 9.93 -3.41 22.94
CA ILE A 637 8.84 -3.89 22.08
C ILE A 637 9.41 -4.80 20.99
N ALA A 638 8.70 -5.85 20.65
CA ALA A 638 9.17 -6.71 19.57
C ALA A 638 8.10 -6.50 18.54
N SER A 639 8.44 -6.62 17.25
CA SER A 639 7.43 -6.41 16.23
C SER A 639 7.80 -7.21 15.02
N CYS A 640 7.02 -8.22 14.74
CA CYS A 640 7.24 -9.11 13.62
C CYS A 640 6.29 -8.72 12.52
N GLY A 641 6.59 -9.13 11.30
CA GLY A 641 5.73 -8.80 10.19
C GLY A 641 6.03 -9.61 8.95
N ALA A 642 5.64 -9.09 7.79
CA ALA A 642 5.87 -9.77 6.52
C ALA A 642 7.25 -9.47 5.96
N ASP A 643 8.03 -8.71 6.72
CA ASP A 643 9.40 -8.39 6.31
C ASP A 643 10.21 -9.60 6.77
N LYS A 644 9.49 -10.66 7.14
CA LYS A 644 10.04 -11.95 7.59
C LYS A 644 10.99 -11.93 8.78
N THR A 645 11.18 -10.76 9.39
CA THR A 645 12.11 -10.62 10.52
C THR A 645 11.44 -10.35 11.86
N LEU A 646 12.28 -10.31 12.90
CA LEU A 646 11.87 -9.99 14.27
C LEU A 646 12.64 -8.71 14.44
N GLN A 647 12.16 -7.81 15.28
CA GLN A 647 12.86 -6.55 15.44
C GLN A 647 12.55 -6.02 16.82
N VAL A 648 13.57 -5.78 17.62
CA VAL A 648 13.31 -5.30 18.96
C VAL A 648 14.04 -4.03 19.30
N PHE A 649 13.25 -3.04 19.71
CA PHE A 649 13.74 -1.71 20.06
C PHE A 649 13.39 -1.27 21.48
N LYS A 650 13.89 -0.11 21.88
CA LYS A 650 13.60 0.45 23.19
C LYS A 650 12.26 1.13 23.04
N ALA A 651 11.43 1.03 24.08
CA ALA A 651 10.13 1.66 24.02
C ALA A 651 10.34 3.17 24.13
N GLU A 652 11.59 3.55 24.41
CA GLU A 652 11.94 4.95 24.57
C GLU A 652 12.22 5.69 23.29
N THR A 653 13.32 5.34 22.63
CA THR A 653 13.70 6.03 21.41
C THR A 653 13.61 5.22 20.12
N GLY A 654 13.18 3.97 20.23
CA GLY A 654 13.08 3.15 19.03
C GLY A 654 14.46 2.68 18.62
N GLU A 655 15.42 2.98 19.49
CA GLU A 655 16.82 2.61 19.29
C GLU A 655 16.84 1.09 19.07
N LYS A 656 17.20 0.65 17.88
CA LYS A 656 17.21 -0.78 17.60
C LYS A 656 18.17 -1.57 18.47
N LEU A 657 17.66 -2.68 19.03
CA LEU A 657 18.41 -3.58 19.92
C LEU A 657 18.68 -4.96 19.31
N LEU A 658 17.81 -5.39 18.41
CA LEU A 658 17.91 -6.67 17.72
C LEU A 658 17.28 -6.57 16.33
N ASP A 659 17.91 -7.17 15.31
CA ASP A 659 17.41 -7.17 13.93
C ASP A 659 17.54 -8.57 13.30
N ILE A 660 16.85 -9.54 13.90
CA ILE A 660 16.91 -10.92 13.45
C ILE A 660 16.10 -11.25 12.22
N LYS A 661 16.58 -12.24 11.45
CA LYS A 661 15.88 -12.68 10.27
C LYS A 661 15.01 -13.88 10.63
N ALA A 662 14.25 -13.74 11.71
CA ALA A 662 13.34 -14.75 12.26
C ALA A 662 12.99 -16.05 11.51
N HIS A 663 12.22 -15.95 10.43
CA HIS A 663 11.81 -17.16 9.70
C HIS A 663 12.03 -17.08 8.20
N GLU A 664 11.59 -18.09 7.48
CA GLU A 664 11.74 -18.10 6.04
C GLU A 664 10.37 -17.88 5.41
N ASP A 665 9.58 -17.03 6.05
CA ASP A 665 8.24 -16.69 5.60
C ASP A 665 7.68 -15.58 6.50
N GLU A 666 6.47 -15.08 6.21
CA GLU A 666 5.85 -14.00 7.00
C GLU A 666 5.65 -14.38 8.46
N VAL A 667 5.89 -13.43 9.36
CA VAL A 667 5.75 -13.67 10.79
C VAL A 667 4.50 -13.05 11.42
N LEU A 668 3.50 -13.89 11.65
CA LEU A 668 2.21 -13.50 12.21
C LEU A 668 2.10 -13.04 13.64
N CYS A 669 3.12 -13.23 14.46
CA CYS A 669 3.04 -12.81 15.85
C CYS A 669 4.31 -13.06 16.61
N CYS A 670 4.41 -12.44 17.79
CA CYS A 670 5.59 -12.53 18.64
C CYS A 670 5.27 -11.97 20.01
N ALA A 671 5.98 -12.46 21.03
CA ALA A 671 5.79 -12.01 22.41
C ALA A 671 6.97 -12.37 23.31
N PHE A 672 7.12 -11.64 24.41
CA PHE A 672 8.21 -11.84 25.38
C PHE A 672 7.85 -12.90 26.41
N SER A 673 8.86 -13.44 27.06
CA SER A 673 8.63 -14.45 28.09
C SER A 673 8.10 -13.79 29.35
N SER A 674 7.88 -14.60 30.37
CA SER A 674 7.35 -14.10 31.64
C SER A 674 8.30 -13.19 32.38
N ASP A 675 9.58 -13.31 32.09
CA ASP A 675 10.57 -12.47 32.75
C ASP A 675 11.45 -11.77 31.71
N ASP A 676 10.90 -11.54 30.52
CA ASP A 676 11.59 -10.89 29.39
C ASP A 676 12.84 -11.60 28.93
N SER A 677 13.05 -12.83 29.39
CA SER A 677 14.23 -13.57 29.02
C SER A 677 14.22 -14.00 27.55
N TYR A 678 13.08 -14.51 27.09
CA TYR A 678 12.96 -14.96 25.71
C TYR A 678 11.87 -14.23 24.95
N ILE A 679 12.01 -14.26 23.63
CA ILE A 679 11.05 -13.67 22.71
C ILE A 679 10.76 -14.82 21.76
N ALA A 680 9.50 -15.22 21.67
CA ALA A 680 9.16 -16.31 20.80
C ALA A 680 8.42 -15.71 19.65
N THR A 681 8.49 -16.35 18.50
CA THR A 681 7.80 -15.88 17.31
C THR A 681 7.23 -17.09 16.61
N CYS A 682 6.11 -16.90 15.92
CA CYS A 682 5.50 -18.01 15.23
C CYS A 682 4.94 -17.47 13.93
N SER A 683 5.17 -18.19 12.83
CA SER A 683 4.71 -17.72 11.51
C SER A 683 4.03 -18.76 10.62
N ALA A 684 3.93 -18.42 9.33
CA ALA A 684 3.29 -19.29 8.35
C ALA A 684 4.20 -20.41 7.86
N ASP A 685 5.45 -20.44 8.31
CA ASP A 685 6.31 -21.54 7.91
C ASP A 685 5.94 -22.68 8.85
N LYS A 686 4.91 -22.43 9.65
CA LYS A 686 4.37 -23.40 10.61
C LYS A 686 5.35 -23.66 11.73
N LYS A 687 6.32 -22.76 11.88
CA LYS A 687 7.34 -22.89 12.92
C LYS A 687 7.18 -21.89 14.06
N VAL A 688 7.45 -22.35 15.27
CA VAL A 688 7.39 -21.53 16.47
C VAL A 688 8.85 -21.42 16.95
N LYS A 689 9.40 -20.22 17.02
CA LYS A 689 10.78 -20.11 17.46
C LYS A 689 10.87 -19.33 18.75
N ILE A 690 11.85 -19.70 19.59
CA ILE A 690 12.11 -19.04 20.87
C ILE A 690 13.46 -18.38 20.70
N TRP A 691 13.60 -17.13 21.09
CA TRP A 691 14.88 -16.44 20.92
C TRP A 691 15.41 -15.91 22.24
N ASP A 692 16.68 -15.50 22.24
CA ASP A 692 17.26 -14.94 23.45
C ASP A 692 17.06 -13.44 23.45
N SER A 693 16.14 -12.96 24.28
CA SER A 693 15.85 -11.54 24.37
C SER A 693 17.12 -10.68 24.43
N ALA A 694 18.19 -11.29 24.92
CA ALA A 694 19.46 -10.61 25.06
C ALA A 694 20.31 -10.62 23.78
N THR A 695 20.84 -11.80 23.48
CA THR A 695 21.70 -12.05 22.31
C THR A 695 20.94 -12.06 21.01
N GLY A 696 19.70 -12.53 21.05
CA GLY A 696 18.92 -12.59 19.84
C GLY A 696 19.25 -13.82 19.04
N LYS A 697 19.98 -14.76 19.63
CA LYS A 697 20.35 -15.98 18.91
C LYS A 697 19.19 -16.98 18.98
N LEU A 698 19.11 -17.91 18.02
CA LEU A 698 18.04 -18.90 18.05
C LEU A 698 18.26 -19.68 19.34
N VAL A 699 17.18 -20.11 19.98
CA VAL A 699 17.27 -20.83 21.23
C VAL A 699 16.52 -22.13 21.09
N HIS A 700 15.82 -22.28 19.97
CA HIS A 700 15.07 -23.48 19.63
C HIS A 700 13.86 -23.27 18.72
N THR A 701 13.59 -24.28 17.88
CA THR A 701 12.49 -24.28 16.91
C THR A 701 11.48 -25.44 17.09
N TYR A 702 10.20 -25.10 17.20
CA TYR A 702 9.13 -26.09 17.37
C TYR A 702 8.26 -26.16 16.14
N ASP A 703 8.52 -27.15 15.31
CA ASP A 703 7.78 -27.32 14.07
C ASP A 703 6.80 -28.48 14.18
N GLU A 704 5.57 -28.20 14.56
CA GLU A 704 4.60 -29.28 14.70
C GLU A 704 3.21 -28.99 14.17
N HIS A 705 2.91 -27.72 13.92
CA HIS A 705 1.59 -27.36 13.40
C HIS A 705 1.53 -27.71 11.93
N SER A 706 0.32 -28.01 11.45
CA SER A 706 0.13 -28.35 10.05
C SER A 706 0.09 -27.07 9.25
N GLU A 707 -0.71 -26.12 9.71
CA GLU A 707 -0.86 -24.84 9.02
C GLU A 707 -0.16 -23.65 9.69
N GLN A 708 -0.31 -22.48 9.10
CA GLN A 708 0.31 -21.27 9.62
C GLN A 708 -0.02 -21.19 11.09
N VAL A 709 0.74 -20.38 11.83
CA VAL A 709 0.47 -20.22 13.25
C VAL A 709 0.22 -18.72 13.51
N ASN A 710 -0.64 -18.38 14.48
CA ASN A 710 -0.96 -16.97 14.77
C ASN A 710 -0.75 -16.57 16.24
N CYS A 711 -1.58 -17.10 17.12
CA CYS A 711 -1.46 -16.80 18.53
C CYS A 711 -0.25 -17.51 19.14
N CYS A 712 0.67 -16.76 19.74
CA CYS A 712 1.76 -17.39 20.49
C CYS A 712 1.92 -16.56 21.75
N HIS A 713 1.70 -17.18 22.90
CA HIS A 713 1.77 -16.50 24.19
C HIS A 713 2.42 -17.30 25.34
N PHE A 714 3.23 -16.62 26.15
CA PHE A 714 3.91 -17.22 27.28
C PHE A 714 3.07 -17.19 28.53
N THR A 715 3.46 -17.99 29.53
CA THR A 715 2.78 -18.03 30.81
C THR A 715 3.11 -16.71 31.50
N ASN A 716 2.18 -16.17 32.28
CA ASN A 716 2.42 -14.90 32.95
C ASN A 716 3.23 -14.96 34.22
N LYS A 717 3.07 -16.02 35.00
CA LYS A 717 3.81 -16.13 36.25
C LYS A 717 5.29 -16.40 36.03
N SER A 718 6.10 -15.65 36.78
CA SER A 718 7.56 -15.75 36.73
C SER A 718 8.01 -17.07 37.37
N ASN A 719 7.02 -17.88 37.74
CA ASN A 719 7.25 -19.17 38.33
C ASN A 719 7.49 -20.19 37.20
N HIS A 720 6.41 -20.66 36.56
CA HIS A 720 6.53 -21.63 35.46
C HIS A 720 6.66 -20.94 34.11
N LEU A 721 7.08 -21.70 33.11
CA LEU A 721 7.29 -21.17 31.77
C LEU A 721 6.79 -22.09 30.66
N LEU A 722 5.65 -21.73 30.07
CA LEU A 722 5.06 -22.51 28.99
C LEU A 722 4.69 -21.59 27.86
N LEU A 723 4.40 -22.16 26.69
CA LEU A 723 3.98 -21.34 25.56
C LEU A 723 2.80 -22.00 24.86
N ALA A 724 1.77 -21.19 24.58
CA ALA A 724 0.55 -21.67 23.93
C ALA A 724 0.37 -21.04 22.55
N THR A 725 0.13 -21.88 21.54
CA THR A 725 -0.04 -21.41 20.17
C THR A 725 -1.30 -21.90 19.45
N GLY A 726 -1.91 -21.00 18.69
CA GLY A 726 -3.10 -21.31 17.94
C GLY A 726 -2.74 -21.31 16.47
N SER A 727 -3.38 -22.17 15.69
CA SER A 727 -3.09 -22.26 14.26
C SER A 727 -4.32 -22.49 13.36
N ASN A 728 -4.07 -22.65 12.06
CA ASN A 728 -5.13 -22.91 11.10
C ASN A 728 -5.23 -24.41 10.89
N ASP A 729 -4.72 -25.13 11.87
CA ASP A 729 -4.76 -26.58 11.86
C ASP A 729 -5.84 -26.91 12.88
N PHE A 730 -6.43 -25.86 13.46
CA PHE A 730 -7.52 -25.97 14.43
C PHE A 730 -7.08 -26.45 15.80
N PHE A 731 -5.80 -26.74 15.95
CA PHE A 731 -5.30 -27.21 17.23
C PHE A 731 -4.70 -26.06 18.01
N LEU A 732 -4.38 -26.33 19.26
CA LEU A 732 -3.80 -25.34 20.14
C LEU A 732 -2.73 -26.11 20.89
N LYS A 733 -1.46 -25.83 20.64
CA LYS A 733 -0.41 -26.56 21.32
C LYS A 733 0.21 -25.83 22.50
N LEU A 734 0.54 -26.57 23.57
CA LEU A 734 1.17 -26.03 24.76
C LEU A 734 2.60 -26.51 24.77
N TRP A 735 3.58 -25.62 24.71
CA TRP A 735 4.96 -26.09 24.72
C TRP A 735 5.64 -25.89 26.07
N ASP A 736 6.48 -26.86 26.44
CA ASP A 736 7.25 -26.81 27.69
C ASP A 736 8.64 -26.52 27.17
N LEU A 737 9.06 -25.26 27.20
CA LEU A 737 10.36 -24.90 26.66
C LEU A 737 11.55 -25.67 27.18
N ASN A 738 11.36 -26.40 28.28
CA ASN A 738 12.43 -27.19 28.87
C ASN A 738 12.37 -28.62 28.37
N GLN A 739 11.82 -28.79 27.17
CA GLN A 739 11.69 -30.10 26.58
C GLN A 739 11.74 -29.99 25.08
N LYS A 740 12.50 -30.87 24.45
CA LYS A 740 12.64 -30.90 23.00
C LYS A 740 11.28 -31.11 22.31
N GLU A 741 10.24 -31.41 23.10
CA GLU A 741 8.93 -31.63 22.50
C GLU A 741 7.78 -30.78 23.01
N CYS A 742 6.65 -31.01 22.36
CA CYS A 742 5.39 -30.35 22.64
C CYS A 742 4.83 -30.96 23.92
N ARG A 743 4.01 -30.21 24.65
CA ARG A 743 3.42 -30.73 25.90
C ARG A 743 1.97 -31.09 25.73
N ASN A 744 1.37 -30.66 24.64
CA ASN A 744 -0.04 -30.95 24.40
C ASN A 744 -0.53 -30.48 23.05
N THR A 745 -1.73 -30.92 22.70
CA THR A 745 -2.36 -30.50 21.47
C THR A 745 -3.85 -30.54 21.82
N MET A 746 -4.47 -29.36 21.88
CA MET A 746 -5.88 -29.26 22.23
C MET A 746 -6.82 -29.49 21.06
N PHE A 747 -7.22 -30.74 20.83
CA PHE A 747 -8.16 -30.95 19.76
C PHE A 747 -9.43 -30.34 20.32
N GLY A 748 -10.03 -29.42 19.59
CA GLY A 748 -11.25 -28.83 20.09
C GLY A 748 -11.97 -27.93 19.13
N HIS A 749 -11.28 -26.91 18.65
CA HIS A 749 -11.90 -25.96 17.75
C HIS A 749 -12.36 -26.55 16.45
N THR A 750 -13.38 -25.92 15.89
CA THR A 750 -14.00 -26.32 14.62
C THR A 750 -13.26 -25.72 13.44
N ASN A 751 -12.81 -24.48 13.60
CA ASN A 751 -12.07 -23.81 12.52
C ASN A 751 -10.68 -23.37 12.96
N SER A 752 -10.18 -22.28 12.39
CA SER A 752 -8.86 -21.78 12.73
C SER A 752 -8.80 -21.05 14.05
N VAL A 753 -7.81 -21.39 14.86
CA VAL A 753 -7.63 -20.74 16.14
C VAL A 753 -6.94 -19.45 15.79
N ASN A 754 -7.33 -18.36 16.42
CA ASN A 754 -6.69 -17.09 16.12
C ASN A 754 -5.88 -16.54 17.27
N HIS A 755 -6.57 -16.02 18.25
CA HIS A 755 -5.90 -15.44 19.39
C HIS A 755 -6.01 -16.38 20.61
N CYS A 756 -5.23 -16.11 21.67
CA CYS A 756 -5.24 -16.94 22.90
C CYS A 756 -4.30 -16.48 24.04
N ARG A 757 -4.85 -15.85 25.07
CA ARG A 757 -4.05 -15.38 26.21
C ARG A 757 -4.17 -16.29 27.42
N PHE A 758 -3.06 -16.45 28.14
CA PHE A 758 -3.06 -17.24 29.36
C PHE A 758 -3.68 -16.37 30.42
N SER A 759 -4.58 -16.92 31.22
CA SER A 759 -5.20 -16.14 32.28
C SER A 759 -4.11 -15.65 33.24
N PRO A 760 -4.30 -14.46 33.85
CA PRO A 760 -3.27 -13.97 34.77
C PRO A 760 -2.85 -15.18 35.61
N ASP A 761 -3.75 -15.57 36.49
CA ASP A 761 -3.57 -16.73 37.33
C ASP A 761 -3.36 -17.82 36.28
N ASP A 762 -2.10 -18.19 36.06
CA ASP A 762 -1.78 -19.19 35.04
C ASP A 762 -2.46 -20.58 35.06
N GLU A 763 -3.76 -20.64 35.28
CA GLU A 763 -4.43 -21.93 35.30
C GLU A 763 -5.38 -22.11 34.14
N LEU A 764 -5.80 -21.02 33.52
CA LEU A 764 -6.70 -21.13 32.40
C LEU A 764 -6.09 -20.54 31.17
N LEU A 765 -6.49 -21.04 30.01
CA LEU A 765 -5.98 -20.55 28.74
C LEU A 765 -7.20 -20.23 27.91
N ALA A 766 -7.27 -19.00 27.42
CA ALA A 766 -8.40 -18.56 26.60
C ALA A 766 -8.14 -18.81 25.11
N SER A 767 -9.16 -19.22 24.38
CA SER A 767 -8.96 -19.48 22.97
C SER A 767 -10.09 -18.90 22.14
N CYS A 768 -9.71 -18.09 21.16
CA CYS A 768 -10.62 -17.35 20.30
C CYS A 768 -10.46 -17.82 18.88
N SER A 769 -11.52 -18.45 18.37
CA SER A 769 -11.50 -19.02 17.02
C SER A 769 -12.43 -18.42 15.98
N ALA A 770 -12.30 -18.96 14.77
CA ALA A 770 -13.10 -18.54 13.64
C ALA A 770 -14.40 -19.34 13.68
N ASP A 771 -14.41 -20.37 14.52
CA ASP A 771 -15.59 -21.20 14.66
C ASP A 771 -16.64 -20.49 15.51
N GLY A 772 -16.36 -19.26 15.89
CA GLY A 772 -17.31 -18.51 16.68
C GLY A 772 -17.43 -18.89 18.14
N THR A 773 -16.36 -19.38 18.73
CA THR A 773 -16.41 -19.73 20.15
C THR A 773 -15.23 -19.18 20.91
N LEU A 774 -15.42 -18.97 22.20
CA LEU A 774 -14.36 -18.50 23.07
C LEU A 774 -14.19 -19.77 23.88
N ARG A 775 -12.98 -20.25 24.07
CA ARG A 775 -12.85 -21.50 24.81
C ARG A 775 -11.79 -21.52 25.91
N LEU A 776 -12.20 -21.89 27.12
CA LEU A 776 -11.29 -21.95 28.26
C LEU A 776 -10.71 -23.33 28.52
N TRP A 777 -9.39 -23.41 28.52
CA TRP A 777 -8.71 -24.67 28.74
C TRP A 777 -7.96 -24.72 30.08
N ASP A 778 -8.01 -25.88 30.74
CA ASP A 778 -7.30 -26.07 32.01
C ASP A 778 -5.87 -26.39 31.66
N VAL A 779 -4.99 -25.43 31.90
CA VAL A 779 -3.59 -25.61 31.58
C VAL A 779 -3.03 -26.94 32.05
N ARG A 780 -3.15 -27.22 33.34
CA ARG A 780 -2.59 -28.46 33.88
C ARG A 780 -3.00 -29.71 33.11
N SER A 781 -4.30 -29.95 32.96
CA SER A 781 -4.78 -31.13 32.26
C SER A 781 -4.82 -31.00 30.73
N ALA A 782 -5.17 -29.81 30.24
CA ALA A 782 -5.25 -29.49 28.80
C ALA A 782 -6.60 -29.91 28.23
N ASN A 783 -7.61 -29.86 29.08
CA ASN A 783 -8.96 -30.27 28.69
C ASN A 783 -9.91 -29.09 28.59
N GLU A 784 -10.77 -29.13 27.59
CA GLU A 784 -11.72 -28.07 27.36
C GLU A 784 -12.61 -27.99 28.59
N ARG A 785 -12.73 -26.79 29.17
CA ARG A 785 -13.55 -26.59 30.36
C ARG A 785 -14.82 -25.79 30.11
N LYS A 786 -14.84 -24.99 29.06
CA LYS A 786 -16.01 -24.18 28.69
C LYS A 786 -15.92 -23.77 27.23
N SER A 787 -17.06 -23.49 26.62
CA SER A 787 -17.08 -23.05 25.23
C SER A 787 -18.22 -22.03 25.12
N ILE A 788 -17.89 -20.81 24.71
CA ILE A 788 -18.91 -19.77 24.60
C ILE A 788 -19.25 -19.38 23.18
N ASN A 789 -20.46 -19.75 22.76
CA ASN A 789 -20.91 -19.42 21.43
C ASN A 789 -21.27 -17.95 21.31
N VAL A 790 -20.65 -17.29 20.34
CA VAL A 790 -20.90 -15.90 20.05
C VAL A 790 -22.00 -15.88 18.97
N LYS A 791 -23.20 -15.54 19.41
CA LYS A 791 -24.40 -15.53 18.58
C LYS A 791 -25.09 -14.18 18.46
N ARG A 792 -24.45 -13.10 18.90
CA ARG A 792 -25.07 -11.78 18.84
C ARG A 792 -25.23 -11.30 17.42
N PHE A 793 -25.37 -12.24 16.48
CA PHE A 793 -25.47 -11.87 15.07
C PHE A 793 -26.61 -12.54 14.34
N PHE A 794 -27.13 -11.85 13.33
CA PHE A 794 -28.26 -12.34 12.55
C PHE A 794 -28.01 -12.17 11.05
N ASP A 803 -26.06 -21.82 9.91
CA ASP A 803 -26.50 -20.48 10.26
C ASP A 803 -25.25 -19.58 10.44
N VAL A 804 -25.38 -18.29 10.09
CA VAL A 804 -24.32 -17.26 10.18
C VAL A 804 -22.96 -17.69 10.77
N GLU A 805 -21.89 -17.24 10.13
CA GLU A 805 -20.55 -17.55 10.59
C GLU A 805 -19.92 -16.24 11.10
N VAL A 806 -19.28 -16.30 12.26
CA VAL A 806 -18.65 -15.14 12.89
C VAL A 806 -17.29 -15.45 13.47
N ILE A 807 -16.34 -14.54 13.24
CA ILE A 807 -14.96 -14.70 13.69
C ILE A 807 -14.57 -13.84 14.88
N VAL A 808 -14.15 -14.50 15.95
CA VAL A 808 -13.73 -13.82 17.16
C VAL A 808 -12.20 -13.72 17.17
N LYS A 809 -11.63 -12.53 17.33
CA LYS A 809 -10.17 -12.38 17.36
C LYS A 809 -9.76 -11.88 18.73
N CYS A 810 -8.75 -11.00 18.78
CA CYS A 810 -8.28 -10.36 20.03
C CYS A 810 -9.18 -10.76 21.22
N CYS A 811 -8.59 -11.19 22.33
CA CYS A 811 -9.41 -11.57 23.49
C CYS A 811 -8.64 -11.70 24.79
N SER A 812 -8.54 -10.58 25.51
CA SER A 812 -7.80 -10.50 26.76
C SER A 812 -8.56 -10.67 28.07
N TRP A 813 -7.79 -11.00 29.10
CA TRP A 813 -8.31 -11.23 30.44
C TRP A 813 -8.26 -9.96 31.25
N SER A 814 -9.11 -9.88 32.28
CA SER A 814 -9.16 -8.72 33.14
C SER A 814 -8.19 -8.84 34.31
N ALA A 815 -7.91 -7.69 34.93
CA ALA A 815 -7.01 -7.61 36.08
C ALA A 815 -7.07 -8.86 36.96
N ASP A 816 -8.20 -9.03 37.62
CA ASP A 816 -8.46 -10.15 38.52
C ASP A 816 -8.62 -11.48 37.79
N GLY A 817 -8.71 -11.42 36.46
CA GLY A 817 -8.86 -12.61 35.66
C GLY A 817 -10.18 -13.32 35.89
N ASP A 818 -11.20 -12.55 36.26
CA ASP A 818 -12.53 -13.08 36.53
C ASP A 818 -13.47 -12.52 35.48
N LYS A 819 -12.90 -12.09 34.37
CA LYS A 819 -13.66 -11.54 33.27
C LYS A 819 -12.79 -11.57 32.04
N ILE A 820 -13.42 -11.47 30.87
CA ILE A 820 -12.68 -11.49 29.62
C ILE A 820 -13.40 -10.75 28.52
N ILE A 821 -12.67 -9.94 27.78
CA ILE A 821 -13.30 -9.23 26.69
C ILE A 821 -12.83 -9.92 25.43
N VAL A 822 -13.64 -9.86 24.39
CA VAL A 822 -13.30 -10.48 23.12
C VAL A 822 -13.94 -9.61 22.07
N ALA A 823 -13.46 -9.73 20.84
CA ALA A 823 -14.02 -8.93 19.77
C ALA A 823 -14.48 -9.80 18.61
N ALA A 824 -15.72 -9.53 18.19
CA ALA A 824 -16.34 -10.23 17.09
C ALA A 824 -16.89 -9.17 16.18
N LYS A 825 -16.53 -9.27 14.90
CA LYS A 825 -16.98 -8.31 13.90
C LYS A 825 -17.10 -6.86 14.42
N ASN A 826 -18.34 -6.42 14.65
CA ASN A 826 -18.59 -5.04 15.11
C ASN A 826 -18.93 -4.83 16.56
N LYS A 827 -18.36 -5.65 17.44
CA LYS A 827 -18.63 -5.51 18.85
C LYS A 827 -17.49 -5.99 19.70
N VAL A 828 -17.49 -5.56 20.95
CA VAL A 828 -16.52 -5.99 21.93
C VAL A 828 -17.50 -6.59 22.92
N LEU A 829 -17.11 -7.64 23.62
CA LEU A 829 -18.02 -8.24 24.58
C LEU A 829 -17.27 -8.57 25.83
N LEU A 830 -17.90 -8.33 26.98
CA LEU A 830 -17.26 -8.64 28.24
C LEU A 830 -18.01 -9.82 28.82
N PHE A 831 -17.32 -10.96 28.97
CA PHE A 831 -17.93 -12.17 29.50
C PHE A 831 -17.45 -12.53 30.90
N ASP A 832 -18.36 -12.98 31.74
CA ASP A 832 -17.94 -13.39 33.06
C ASP A 832 -17.36 -14.80 32.87
N ILE A 833 -16.07 -14.94 33.14
CA ILE A 833 -15.35 -16.20 33.02
C ILE A 833 -16.06 -17.34 33.76
N HIS A 834 -17.07 -17.03 34.56
CA HIS A 834 -17.80 -18.06 35.28
C HIS A 834 -19.18 -18.29 34.73
N THR A 835 -20.13 -17.45 35.12
CA THR A 835 -21.50 -17.57 34.63
C THR A 835 -21.53 -17.78 33.11
N SER A 836 -20.42 -17.43 32.46
CA SER A 836 -20.31 -17.52 31.01
C SER A 836 -21.34 -16.56 30.42
N GLY A 837 -21.78 -15.61 31.24
CA GLY A 837 -22.75 -14.62 30.82
C GLY A 837 -22.09 -13.38 30.26
N LEU A 838 -22.86 -12.59 29.53
CA LEU A 838 -22.37 -11.37 28.91
C LEU A 838 -22.64 -10.18 29.82
N LEU A 839 -21.61 -9.42 30.15
CA LEU A 839 -21.70 -8.27 31.05
C LEU A 839 -21.84 -6.91 30.37
N ALA A 840 -21.36 -6.79 29.15
CA ALA A 840 -21.45 -5.53 28.44
C ALA A 840 -21.22 -5.75 26.95
N GLU A 841 -21.84 -4.90 26.13
CA GLU A 841 -21.71 -5.00 24.68
C GLU A 841 -21.61 -3.63 24.01
N ILE A 842 -20.45 -3.30 23.45
CA ILE A 842 -20.34 -2.03 22.77
C ILE A 842 -20.17 -2.24 21.28
N HIS A 843 -21.01 -1.57 20.51
CA HIS A 843 -20.99 -1.65 19.06
C HIS A 843 -19.95 -0.67 18.60
N THR A 844 -19.34 -0.96 17.48
CA THR A 844 -18.32 -0.07 16.97
C THR A 844 -18.78 0.62 15.70
N GLY A 845 -17.84 1.29 15.03
CA GLY A 845 -18.14 2.01 13.80
C GLY A 845 -19.20 1.33 12.96
N HIS A 846 -20.39 1.93 12.92
CA HIS A 846 -21.54 1.43 12.17
C HIS A 846 -21.36 -0.01 11.71
N HIS A 847 -20.72 -0.17 10.56
CA HIS A 847 -20.44 -1.48 10.01
C HIS A 847 -19.03 -1.52 9.43
N SER A 848 -18.19 -2.32 10.08
CA SER A 848 -16.81 -2.48 9.69
C SER A 848 -16.38 -3.83 10.22
N THR A 849 -15.33 -3.85 11.04
CA THR A 849 -14.82 -5.09 11.62
C THR A 849 -13.55 -4.86 12.43
N ILE A 850 -13.69 -4.89 13.75
CA ILE A 850 -12.55 -4.71 14.64
C ILE A 850 -11.50 -5.73 14.23
N GLN A 851 -10.33 -5.27 13.79
CA GLN A 851 -9.29 -6.19 13.37
C GLN A 851 -8.34 -6.61 14.51
N TYR A 852 -8.48 -5.96 15.66
CA TYR A 852 -7.70 -6.26 16.89
C TYR A 852 -8.12 -5.29 18.00
N CYS A 853 -7.61 -5.51 19.21
CA CYS A 853 -7.95 -4.69 20.37
C CYS A 853 -7.05 -5.06 21.54
N ASP A 854 -7.37 -4.62 22.75
CA ASP A 854 -6.58 -4.99 23.93
C ASP A 854 -7.10 -4.31 25.17
N PHE A 855 -7.52 -5.12 26.13
CA PHE A 855 -8.07 -4.64 27.38
C PHE A 855 -6.96 -4.07 28.25
N SER A 856 -7.16 -2.86 28.74
CA SER A 856 -6.18 -2.22 29.59
C SER A 856 -6.36 -2.67 31.04
N PRO A 857 -5.28 -2.66 31.84
CA PRO A 857 -5.25 -3.06 33.25
C PRO A 857 -6.02 -2.13 34.18
N TYR A 858 -6.08 -0.85 33.81
CA TYR A 858 -6.77 0.15 34.60
C TYR A 858 -7.75 0.93 33.73
N ASP A 859 -8.70 1.58 34.37
CA ASP A 859 -9.70 2.41 33.68
C ASP A 859 -10.62 1.73 32.65
N HIS A 860 -10.68 0.40 32.64
CA HIS A 860 -11.55 -0.30 31.71
C HIS A 860 -11.27 0.10 30.25
N LEU A 861 -10.17 0.79 30.00
CA LEU A 861 -9.86 1.21 28.65
C LEU A 861 -9.54 0.02 27.78
N ALA A 862 -9.96 0.08 26.52
CA ALA A 862 -9.69 -1.00 25.59
C ALA A 862 -9.48 -0.43 24.20
N VAL A 863 -8.25 -0.46 23.70
CA VAL A 863 -7.97 0.08 22.36
C VAL A 863 -8.34 -0.95 21.30
N ILE A 864 -8.87 -0.46 20.19
CA ILE A 864 -9.28 -1.35 19.13
C ILE A 864 -8.90 -0.81 17.76
N ALA A 865 -8.45 -1.70 16.89
CA ALA A 865 -8.10 -1.29 15.56
C ALA A 865 -9.36 -1.45 14.75
N LEU A 866 -9.94 -0.33 14.36
CA LEU A 866 -11.15 -0.33 13.57
C LEU A 866 -10.81 -0.61 12.11
N SER A 867 -11.82 -0.64 11.25
CA SER A 867 -11.58 -0.92 9.84
C SER A 867 -10.77 0.15 9.13
N GLN A 868 -9.53 -0.22 8.82
CA GLN A 868 -8.57 0.65 8.15
C GLN A 868 -8.17 1.90 8.92
N TYR A 869 -6.87 1.99 9.19
CA TYR A 869 -6.21 3.09 9.91
C TYR A 869 -6.85 3.78 11.10
N CYS A 870 -8.18 3.86 11.14
CA CYS A 870 -8.84 4.49 12.26
C CYS A 870 -8.62 3.59 13.49
N VAL A 871 -8.13 4.19 14.57
CA VAL A 871 -7.89 3.45 15.80
C VAL A 871 -8.41 4.24 16.97
N GLU A 872 -9.48 3.75 17.59
CA GLU A 872 -10.11 4.40 18.73
C GLU A 872 -10.12 3.50 19.97
N LEU A 873 -9.92 4.08 21.14
CA LEU A 873 -9.95 3.32 22.38
C LEU A 873 -11.13 3.80 23.20
N TRP A 874 -11.93 2.85 23.69
CA TRP A 874 -13.15 3.11 24.47
C TRP A 874 -12.98 2.84 25.96
N ASN A 875 -14.07 3.08 26.66
CA ASN A 875 -14.14 2.87 28.10
C ASN A 875 -15.32 1.95 28.38
N ILE A 876 -15.06 0.65 28.39
CA ILE A 876 -16.09 -0.34 28.67
C ILE A 876 -16.78 0.05 29.95
N ASP A 877 -17.96 -0.53 30.20
CA ASP A 877 -18.74 -0.25 31.41
C ASP A 877 -19.51 1.07 31.27
N SER A 878 -18.89 2.11 30.72
CA SER A 878 -19.59 3.37 30.50
C SER A 878 -20.01 3.25 29.05
N ARG A 879 -19.39 2.29 28.38
CA ARG A 879 -19.62 2.00 26.98
C ARG A 879 -19.70 3.23 26.11
N LEU A 880 -18.64 4.04 26.13
CA LEU A 880 -18.56 5.27 25.34
C LEU A 880 -17.18 5.47 24.73
N LYS A 881 -17.11 5.80 23.46
CA LYS A 881 -15.81 6.04 22.84
C LYS A 881 -15.20 7.13 23.73
N VAL A 882 -13.90 7.03 24.00
CA VAL A 882 -13.21 7.99 24.83
C VAL A 882 -12.28 8.91 24.07
N ALA A 883 -11.73 8.42 22.97
CA ALA A 883 -10.86 9.25 22.16
C ALA A 883 -10.52 8.55 20.87
N ASP A 884 -10.52 9.30 19.78
CA ASP A 884 -10.19 8.75 18.48
C ASP A 884 -8.70 8.94 18.32
N CYS A 885 -8.08 8.08 17.52
CA CYS A 885 -6.64 8.15 17.29
C CYS A 885 -6.25 8.05 15.83
N ARG A 886 -6.33 9.20 15.15
CA ARG A 886 -5.98 9.30 13.74
C ARG A 886 -4.47 9.30 13.81
N GLY A 887 -3.82 8.37 13.11
CA GLY A 887 -2.37 8.30 13.13
C GLY A 887 -1.85 7.69 11.85
N HIS A 888 -2.34 6.51 11.53
CA HIS A 888 -1.92 5.81 10.31
C HIS A 888 -2.94 6.05 9.20
N LEU A 889 -2.54 5.79 7.96
CA LEU A 889 -3.42 5.94 6.80
C LEU A 889 -3.32 4.67 5.99
N SER A 890 -2.81 3.63 6.64
CA SER A 890 -2.66 2.35 6.00
C SER A 890 -3.07 1.30 7.03
N TRP A 891 -3.99 0.43 6.63
CA TRP A 891 -4.50 -0.66 7.45
C TRP A 891 -3.75 -0.97 8.74
N VAL A 892 -4.39 -0.79 9.91
CA VAL A 892 -3.73 -1.08 11.19
C VAL A 892 -3.96 -2.56 11.49
N HIS A 893 -2.94 -3.23 12.04
CA HIS A 893 -3.01 -4.66 12.33
C HIS A 893 -3.02 -5.01 13.80
N GLY A 894 -2.08 -4.42 14.52
CA GLY A 894 -1.96 -4.68 15.92
C GLY A 894 -2.07 -3.42 16.74
N VAL A 895 -2.32 -3.59 18.03
CA VAL A 895 -2.48 -2.47 18.91
C VAL A 895 -2.63 -3.05 20.31
N MET A 896 -1.90 -2.49 21.28
CA MET A 896 -2.01 -2.95 22.65
C MET A 896 -1.31 -2.10 23.68
N PHE A 897 -1.89 -2.11 24.86
CA PHE A 897 -1.42 -1.35 26.00
C PHE A 897 -0.14 -1.86 26.59
N SER A 898 0.67 -0.92 27.06
CA SER A 898 1.92 -1.25 27.72
C SER A 898 1.44 -1.92 29.00
N PRO A 899 2.30 -2.71 29.64
CA PRO A 899 1.86 -3.37 30.85
C PRO A 899 1.14 -2.43 31.83
N ASP A 900 1.84 -1.42 32.32
CA ASP A 900 1.26 -0.47 33.29
C ASP A 900 0.07 0.29 32.74
N GLY A 901 -0.09 0.24 31.43
CA GLY A 901 -1.22 0.93 30.80
C GLY A 901 -0.96 2.39 30.46
N SER A 902 0.06 2.99 31.06
CA SER A 902 0.35 4.38 30.79
C SER A 902 0.25 4.69 29.30
N SER A 903 0.74 3.80 28.46
CA SER A 903 0.70 4.04 27.02
C SER A 903 0.37 2.79 26.20
N PHE A 904 0.14 2.97 24.89
CA PHE A 904 -0.16 1.86 23.98
C PHE A 904 0.59 2.02 22.67
N LEU A 905 0.60 0.96 21.87
CA LEU A 905 1.31 1.01 20.59
C LEU A 905 0.45 0.50 19.46
N THR A 906 0.84 0.87 18.24
CA THR A 906 0.12 0.47 17.05
C THR A 906 1.06 0.00 15.94
N ALA A 907 0.61 -1.00 15.19
CA ALA A 907 1.38 -1.54 14.10
C ALA A 907 0.46 -1.63 12.89
N SER A 908 0.95 -1.18 11.73
CA SER A 908 0.15 -1.20 10.51
C SER A 908 0.90 -1.53 9.24
N ASP A 909 0.18 -1.49 8.13
CA ASP A 909 0.71 -1.75 6.81
C ASP A 909 1.64 -0.62 6.35
N ASP A 910 1.52 0.56 6.97
CA ASP A 910 2.40 1.66 6.62
C ASP A 910 3.77 1.28 7.15
N GLN A 911 3.85 0.04 7.63
CA GLN A 911 5.05 -0.55 8.22
C GLN A 911 5.78 0.37 9.19
N THR A 912 5.06 0.71 10.25
CA THR A 912 5.57 1.57 11.30
C THR A 912 4.87 1.16 12.59
N ILE A 913 5.57 1.26 13.70
CA ILE A 913 5.01 0.96 15.00
C ILE A 913 5.05 2.32 15.65
N ARG A 914 3.95 2.75 16.27
CA ARG A 914 3.95 4.06 16.91
C ARG A 914 3.53 3.99 18.37
N VAL A 915 4.36 4.49 19.27
CA VAL A 915 3.99 4.45 20.67
C VAL A 915 3.10 5.63 20.91
N TRP A 916 2.22 5.50 21.89
CA TRP A 916 1.29 6.57 22.24
C TRP A 916 1.16 6.63 23.76
N GLU A 917 1.11 7.83 24.33
CA GLU A 917 0.92 7.92 25.77
C GLU A 917 -0.59 8.09 25.99
N THR A 918 -1.20 7.11 26.66
CA THR A 918 -2.63 7.13 26.92
C THR A 918 -3.17 8.46 27.42
N LYS A 919 -2.85 8.80 28.67
CA LYS A 919 -3.31 10.04 29.30
C LYS A 919 -3.50 11.20 28.32
N LYS A 920 -2.51 11.39 27.45
CA LYS A 920 -2.54 12.47 26.45
C LYS A 920 -3.52 12.25 25.29
N VAL A 921 -3.66 11.02 24.81
CA VAL A 921 -4.57 10.79 23.69
C VAL A 921 -6.03 11.01 24.10
N CYS A 922 -6.36 10.69 25.36
CA CYS A 922 -7.73 10.83 25.87
C CYS A 922 -8.22 12.23 26.23
N LYS A 923 -7.32 13.19 26.29
CA LYS A 923 -7.71 14.56 26.60
C LYS A 923 -8.68 14.96 25.50
N ASN A 924 -9.56 15.90 25.80
CA ASN A 924 -10.56 16.36 24.84
C ASN A 924 -10.04 17.36 23.81
N SER A 925 -9.43 16.85 22.74
CA SER A 925 -8.92 17.75 21.73
C SER A 925 -9.90 18.00 20.59
N ALA A 926 -9.82 19.23 20.07
CA ALA A 926 -10.64 19.69 18.96
C ALA A 926 -9.93 19.29 17.66
N ILE A 927 -9.00 18.36 17.81
CA ILE A 927 -8.21 17.84 16.72
C ILE A 927 -9.14 17.15 15.74
N VAL A 928 -9.96 16.25 16.28
CA VAL A 928 -10.91 15.48 15.49
C VAL A 928 -12.33 15.88 15.86
N LEU A 929 -13.14 16.19 14.84
CA LEU A 929 -14.52 16.61 15.02
C LEU A 929 -15.38 15.72 14.15
N LYS A 930 -16.69 15.93 14.23
CA LYS A 930 -17.63 15.19 13.40
C LYS A 930 -17.78 15.99 12.12
N GLN A 931 -18.57 15.50 11.18
CA GLN A 931 -18.74 16.22 9.92
C GLN A 931 -19.97 17.12 9.97
N GLU A 932 -20.18 17.74 11.12
CA GLU A 932 -21.30 18.63 11.27
C GLU A 932 -20.78 19.95 11.77
N ILE A 933 -20.59 20.89 10.85
CA ILE A 933 -20.08 22.19 11.23
C ILE A 933 -20.86 23.35 10.64
N ASP A 934 -20.37 24.55 10.96
CA ASP A 934 -20.93 25.81 10.49
C ASP A 934 -19.79 26.80 10.46
N VAL A 935 -19.64 27.50 9.34
CA VAL A 935 -18.55 28.46 9.15
C VAL A 935 -18.96 29.94 9.17
N VAL A 936 -18.01 30.80 9.54
CA VAL A 936 -18.26 32.24 9.59
C VAL A 936 -17.05 32.99 9.05
N PHE A 937 -17.06 33.33 7.77
CA PHE A 937 -15.94 34.04 7.15
C PHE A 937 -15.93 35.53 7.50
N GLN A 938 -15.65 35.83 8.77
CA GLN A 938 -15.63 37.21 9.21
C GLN A 938 -14.37 38.00 8.84
N GLU A 939 -14.17 38.21 7.55
CA GLU A 939 -13.01 38.99 7.05
C GLU A 939 -11.64 38.59 7.57
N ASN A 940 -11.13 39.43 8.48
CA ASN A 940 -9.84 39.27 9.12
C ASN A 940 -9.62 37.90 9.77
N GLU A 941 -10.59 36.99 9.62
CA GLU A 941 -10.48 35.63 10.18
C GLU A 941 -11.68 34.75 9.89
N THR A 942 -11.44 33.44 9.81
CA THR A 942 -12.50 32.47 9.57
C THR A 942 -12.82 31.79 10.90
N MET A 943 -14.11 31.63 11.21
CA MET A 943 -14.52 31.01 12.46
C MET A 943 -15.36 29.78 12.16
N VAL A 944 -14.86 28.62 12.55
CA VAL A 944 -15.59 27.38 12.33
C VAL A 944 -16.18 26.88 13.64
N LEU A 945 -17.36 26.29 13.58
CA LEU A 945 -17.99 25.74 14.77
C LEU A 945 -18.32 24.30 14.46
N ALA A 946 -17.76 23.38 15.23
CA ALA A 946 -17.97 21.97 14.98
C ALA A 946 -18.44 21.13 16.13
N VAL A 947 -19.18 20.07 15.77
CA VAL A 947 -19.67 19.10 16.72
C VAL A 947 -18.48 18.26 17.07
N ASP A 948 -18.23 18.02 18.36
CA ASP A 948 -17.06 17.20 18.68
C ASP A 948 -17.33 15.77 18.24
N ASN A 949 -16.28 14.96 18.27
CA ASN A 949 -16.38 13.57 17.89
C ASN A 949 -16.64 12.72 19.12
N ILE A 950 -16.68 13.34 20.29
CA ILE A 950 -16.93 12.59 21.51
C ILE A 950 -18.09 13.14 22.31
N ARG A 951 -18.00 14.37 22.78
CA ARG A 951 -19.13 14.92 23.52
C ARG A 951 -19.62 16.29 23.06
N GLY A 952 -19.10 17.35 23.66
CA GLY A 952 -19.55 18.69 23.31
C GLY A 952 -19.27 19.18 21.91
N LEU A 953 -19.15 20.49 21.76
CA LEU A 953 -18.85 21.10 20.48
C LEU A 953 -17.71 22.10 20.67
N GLN A 954 -16.95 22.33 19.60
CA GLN A 954 -15.78 23.23 19.66
C GLN A 954 -15.91 24.49 18.82
N LEU A 955 -15.46 25.61 19.40
CA LEU A 955 -15.49 26.89 18.71
C LEU A 955 -14.07 27.11 18.22
N ILE A 956 -13.85 26.83 16.93
CA ILE A 956 -12.53 26.99 16.34
C ILE A 956 -12.33 28.33 15.68
N ALA A 957 -11.21 28.95 16.02
CA ALA A 957 -10.83 30.25 15.47
C ALA A 957 -9.70 30.06 14.47
N GLY A 958 -10.03 29.57 13.28
CA GLY A 958 -9.03 29.36 12.24
C GLY A 958 -8.15 30.59 12.11
N LYS A 959 -6.83 30.38 12.16
CA LYS A 959 -5.86 31.48 12.09
C LYS A 959 -5.70 31.97 13.52
N THR A 960 -5.45 31.00 14.42
CA THR A 960 -5.25 31.18 15.87
C THR A 960 -5.99 30.09 16.61
N GLY A 961 -5.51 28.86 16.50
CA GLY A 961 -6.14 27.73 17.17
C GLY A 961 -7.33 28.06 18.05
N GLN A 962 -7.08 28.76 19.16
CA GLN A 962 -8.13 29.15 20.10
C GLN A 962 -9.34 28.23 20.11
N ILE A 963 -9.17 27.06 20.72
CA ILE A 963 -10.23 26.09 20.81
C ILE A 963 -10.94 26.19 22.17
N ASP A 964 -12.21 26.54 22.10
CA ASP A 964 -13.04 26.70 23.28
C ASP A 964 -14.05 25.57 23.28
N TYR A 965 -14.17 24.91 24.43
CA TYR A 965 -15.07 23.78 24.55
C TYR A 965 -16.42 24.15 25.14
N LEU A 966 -17.38 23.25 24.97
CA LEU A 966 -18.74 23.42 25.45
C LEU A 966 -19.29 22.01 25.66
N PRO A 967 -19.39 21.57 26.92
CA PRO A 967 -19.93 20.23 27.22
C PRO A 967 -21.32 20.05 26.62
N GLU A 968 -21.81 18.81 26.57
CA GLU A 968 -23.15 18.58 26.04
C GLU A 968 -23.57 17.13 25.76
N ALA A 969 -24.87 16.88 25.87
CA ALA A 969 -25.48 15.57 25.68
C ALA A 969 -25.30 15.02 24.26
N GLN A 970 -24.06 15.01 23.78
CA GLN A 970 -23.75 14.52 22.43
C GLN A 970 -24.69 15.12 21.40
N VAL A 971 -24.37 16.34 21.00
CA VAL A 971 -25.16 17.08 20.03
C VAL A 971 -25.33 16.27 18.76
N SER A 972 -26.11 16.80 17.83
CA SER A 972 -26.34 16.13 16.57
C SER A 972 -26.14 17.09 15.41
N CYS A 973 -25.86 18.35 15.73
CA CYS A 973 -25.61 19.37 14.72
C CYS A 973 -25.35 20.71 15.38
N CYS A 974 -24.59 21.55 14.69
CA CYS A 974 -24.22 22.85 15.23
C CYS A 974 -24.89 24.01 14.52
N CYS A 975 -24.59 25.23 14.98
CA CYS A 975 -25.22 26.41 14.38
C CYS A 975 -24.73 27.72 15.01
N LEU A 976 -24.15 28.58 14.18
CA LEU A 976 -23.65 29.88 14.62
C LEU A 976 -24.53 31.07 14.25
N SER A 977 -24.73 31.97 15.19
CA SER A 977 -25.57 33.14 14.95
C SER A 977 -24.75 34.26 14.33
N PRO A 978 -25.00 34.59 13.07
CA PRO A 978 -24.22 35.68 12.46
C PRO A 978 -24.03 36.80 13.47
N HIS A 979 -22.77 37.02 13.86
CA HIS A 979 -22.39 38.02 14.86
C HIS A 979 -21.75 37.25 15.99
N LEU A 980 -21.79 35.92 15.89
CA LEU A 980 -21.27 35.07 16.95
C LEU A 980 -22.17 35.42 18.15
N GLU A 981 -21.60 35.58 19.34
CA GLU A 981 -22.41 35.92 20.52
C GLU A 981 -23.38 34.80 20.96
N TYR A 982 -24.13 34.23 20.02
CA TYR A 982 -25.06 33.14 20.33
C TYR A 982 -24.74 31.90 19.51
N VAL A 983 -24.59 30.78 20.19
CA VAL A 983 -24.30 29.53 19.51
C VAL A 983 -25.46 28.57 19.79
N ALA A 984 -26.04 28.01 18.72
CA ALA A 984 -27.16 27.09 18.87
C ALA A 984 -26.81 25.72 18.36
N PHE A 985 -27.37 24.69 18.97
CA PHE A 985 -27.09 23.35 18.52
C PHE A 985 -28.29 22.48 18.74
N GLY A 986 -28.45 21.49 17.89
CA GLY A 986 -29.55 20.56 18.03
C GLY A 986 -29.03 19.41 18.84
N ASP A 987 -29.91 18.47 19.19
CA ASP A 987 -29.53 17.33 19.99
C ASP A 987 -30.02 16.00 19.40
N GLU A 988 -29.57 14.90 20.00
CA GLU A 988 -29.93 13.54 19.55
C GLU A 988 -31.40 13.19 19.74
N ASP A 989 -32.00 13.62 20.85
CA ASP A 989 -33.41 13.36 21.16
C ASP A 989 -34.33 14.41 20.60
N GLY A 990 -33.79 15.29 19.78
CA GLY A 990 -34.58 16.34 19.18
C GLY A 990 -34.49 17.63 19.96
N ALA A 991 -33.89 17.57 21.15
CA ALA A 991 -33.78 18.75 21.99
C ALA A 991 -32.96 19.85 21.34
N ILE A 992 -33.33 21.10 21.61
CA ILE A 992 -32.65 22.23 21.05
C ILE A 992 -32.28 23.19 22.18
N LYS A 993 -31.16 23.89 22.05
CA LYS A 993 -30.73 24.83 23.07
C LYS A 993 -29.86 25.89 22.42
N ILE A 994 -29.74 27.04 23.08
CA ILE A 994 -28.90 28.13 22.60
C ILE A 994 -28.08 28.57 23.78
N ILE A 995 -26.81 28.86 23.53
CA ILE A 995 -25.90 29.32 24.57
C ILE A 995 -25.32 30.62 24.07
N GLU A 996 -25.17 31.59 24.96
CA GLU A 996 -24.58 32.84 24.53
C GLU A 996 -23.09 32.78 24.82
N LEU A 997 -22.29 32.99 23.78
CA LEU A 997 -20.83 32.95 23.86
C LEU A 997 -20.17 33.94 24.82
N PRO A 998 -20.55 35.23 24.76
CA PRO A 998 -19.92 36.19 25.68
C PRO A 998 -19.87 35.59 27.08
N ASN A 999 -21.04 35.20 27.57
CA ASN A 999 -21.17 34.59 28.89
C ASN A 999 -20.65 33.14 28.85
N ASN A 1000 -20.89 32.46 27.73
CA ASN A 1000 -20.45 31.08 27.52
C ASN A 1000 -21.10 30.08 28.47
N ARG A 1001 -22.14 30.50 29.16
CA ARG A 1001 -22.84 29.63 30.12
C ARG A 1001 -24.36 29.70 29.96
N VAL A 1002 -24.99 30.69 30.58
CA VAL A 1002 -26.45 30.87 30.50
C VAL A 1002 -26.96 30.36 29.16
N PHE A 1003 -27.78 29.31 29.21
CA PHE A 1003 -28.35 28.75 27.99
C PHE A 1003 -29.86 28.64 28.10
N SER A 1004 -30.53 28.70 26.97
CA SER A 1004 -32.00 28.63 26.91
C SER A 1004 -32.42 27.39 26.11
N SER A 1005 -33.36 26.60 26.62
CA SER A 1005 -33.77 25.37 25.93
C SER A 1005 -35.26 25.14 25.66
N GLY A 1006 -35.66 25.22 24.40
CA GLY A 1006 -37.05 25.03 24.05
C GLY A 1006 -37.46 23.57 24.00
N VAL A 1007 -38.77 23.31 23.93
CA VAL A 1007 -39.33 21.94 23.88
C VAL A 1007 -39.98 21.61 22.53
N GLY A 1008 -39.74 20.40 22.03
CA GLY A 1008 -40.30 19.97 20.75
C GLY A 1008 -39.36 18.99 20.05
N HIS A 1009 -39.83 18.34 18.99
CA HIS A 1009 -39.00 17.37 18.23
C HIS A 1009 -38.89 15.95 18.79
N LYS A 1010 -39.46 15.00 18.04
CA LYS A 1010 -39.49 13.59 18.39
C LYS A 1010 -38.22 12.83 17.97
N LYS A 1011 -37.74 13.09 16.76
CA LYS A 1011 -36.55 12.46 16.21
C LYS A 1011 -35.30 13.36 16.36
N ALA A 1012 -34.14 12.85 15.97
CA ALA A 1012 -32.88 13.59 16.06
C ALA A 1012 -32.96 14.93 15.28
N VAL A 1013 -32.05 15.84 15.55
CA VAL A 1013 -32.09 17.13 14.88
C VAL A 1013 -31.08 17.36 13.75
N ARG A 1014 -31.56 17.36 12.52
CA ARG A 1014 -30.68 17.58 11.39
C ARG A 1014 -30.47 19.08 11.24
N HIS A 1015 -30.41 19.60 10.01
CA HIS A 1015 -30.19 21.03 9.81
C HIS A 1015 -30.94 21.92 10.81
N ILE A 1016 -30.22 22.88 11.40
CA ILE A 1016 -30.75 23.85 12.36
C ILE A 1016 -30.10 25.19 12.00
N GLN A 1017 -30.88 26.26 12.02
CA GLN A 1017 -30.34 27.56 11.63
C GLN A 1017 -31.04 28.79 12.20
N PHE A 1018 -30.23 29.81 12.47
CA PHE A 1018 -30.69 31.08 13.01
C PHE A 1018 -31.27 31.91 11.88
N THR A 1019 -32.19 32.81 12.21
CA THR A 1019 -32.82 33.68 11.23
C THR A 1019 -31.89 34.83 10.97
N ALA A 1020 -32.05 35.48 9.82
CA ALA A 1020 -31.24 36.64 9.47
C ALA A 1020 -30.95 37.43 10.76
N ASP A 1021 -32.00 37.83 11.46
CA ASP A 1021 -31.92 38.58 12.71
C ASP A 1021 -31.52 37.67 13.87
N GLY A 1022 -30.98 38.27 14.92
CA GLY A 1022 -30.53 37.51 16.08
C GLY A 1022 -31.49 36.59 16.82
N LYS A 1023 -32.71 36.41 16.32
CA LYS A 1023 -33.69 35.53 17.00
C LYS A 1023 -34.47 34.66 16.02
N THR A 1024 -35.07 33.60 16.57
CA THR A 1024 -35.85 32.63 15.83
C THR A 1024 -34.94 31.54 15.22
N LEU A 1025 -35.14 30.28 15.64
CA LEU A 1025 -34.35 29.13 15.19
C LEU A 1025 -35.18 28.18 14.38
N ILE A 1026 -34.73 27.87 13.17
CA ILE A 1026 -35.47 26.92 12.35
C ILE A 1026 -34.75 25.58 12.48
N SER A 1027 -35.49 24.48 12.55
CA SER A 1027 -34.83 23.19 12.70
C SER A 1027 -35.69 22.03 12.26
N SER A 1028 -35.18 21.24 11.32
CA SER A 1028 -35.91 20.08 10.86
C SER A 1028 -35.32 18.87 11.54
N SER A 1029 -36.14 17.84 11.73
CA SER A 1029 -35.68 16.61 12.35
C SER A 1029 -35.83 15.52 11.31
N GLU A 1030 -36.19 14.31 11.75
CA GLU A 1030 -36.38 13.20 10.85
C GLU A 1030 -37.85 12.90 10.64
N ASP A 1031 -38.68 13.95 10.65
CA ASP A 1031 -40.11 13.82 10.45
C ASP A 1031 -40.76 15.07 9.83
N SER A 1032 -41.98 14.88 9.31
CA SER A 1032 -42.77 15.91 8.62
C SER A 1032 -42.81 17.35 9.13
N VAL A 1033 -42.57 17.56 10.41
CA VAL A 1033 -42.64 18.91 10.95
C VAL A 1033 -41.34 19.71 11.01
N ILE A 1034 -41.40 20.96 10.54
CA ILE A 1034 -40.24 21.85 10.64
C ILE A 1034 -40.62 22.66 11.85
N GLN A 1035 -39.65 23.23 12.53
CA GLN A 1035 -39.96 23.99 13.73
C GLN A 1035 -39.41 25.40 13.64
N VAL A 1036 -40.18 26.38 14.08
CA VAL A 1036 -39.73 27.75 14.03
C VAL A 1036 -39.77 28.36 15.41
N TRP A 1037 -38.72 28.10 16.19
CA TRP A 1037 -38.62 28.63 17.55
C TRP A 1037 -38.22 30.09 17.57
N ASN A 1038 -39.18 30.98 17.77
CA ASN A 1038 -38.90 32.41 17.83
C ASN A 1038 -38.58 32.68 19.31
N TRP A 1039 -37.49 32.06 19.76
CA TRP A 1039 -37.02 32.14 21.14
C TRP A 1039 -36.94 33.55 21.69
N GLN A 1040 -36.52 33.65 22.95
CA GLN A 1040 -36.40 34.93 23.62
C GLN A 1040 -37.80 35.40 24.03
N THR A 1041 -38.72 35.37 23.07
CA THR A 1041 -40.09 35.75 23.32
C THR A 1041 -40.68 34.45 23.89
N GLY A 1042 -40.40 33.34 23.22
CA GLY A 1042 -40.88 32.04 23.67
C GLY A 1042 -41.95 31.47 22.77
N ASP A 1043 -42.44 32.29 21.84
CA ASP A 1043 -43.49 31.89 20.91
C ASP A 1043 -42.97 30.87 19.92
N TYR A 1044 -43.86 30.01 19.44
CA TYR A 1044 -43.50 28.98 18.51
C TYR A 1044 -44.38 29.04 17.27
N VAL A 1045 -43.85 28.58 16.14
CA VAL A 1045 -44.61 28.55 14.91
C VAL A 1045 -44.26 27.23 14.26
N PHE A 1046 -45.27 26.41 13.95
CA PHE A 1046 -45.00 25.12 13.34
C PHE A 1046 -45.32 25.11 11.88
N LEU A 1047 -44.73 24.18 11.15
CA LEU A 1047 -44.96 24.06 9.72
C LEU A 1047 -45.28 22.61 9.43
N GLN A 1048 -46.52 22.23 9.71
CA GLN A 1048 -46.98 20.85 9.51
C GLN A 1048 -47.05 20.51 8.04
N ALA A 1049 -45.93 20.06 7.51
CA ALA A 1049 -45.84 19.68 6.11
C ALA A 1049 -46.76 18.49 5.85
N HIS A 1050 -46.90 17.63 6.86
CA HIS A 1050 -47.73 16.43 6.76
C HIS A 1050 -47.07 15.54 5.72
N GLN A 1051 -46.01 16.09 5.11
CA GLN A 1051 -45.22 15.45 4.06
C GLN A 1051 -44.78 14.04 4.41
N GLU A 1052 -43.50 13.90 4.75
CA GLU A 1052 -42.92 12.61 5.12
C GLU A 1052 -41.75 12.85 6.07
N THR A 1053 -40.74 13.58 5.59
CA THR A 1053 -39.56 13.91 6.40
C THR A 1053 -38.69 14.95 5.71
N VAL A 1054 -38.96 16.23 5.98
CA VAL A 1054 -38.20 17.31 5.39
C VAL A 1054 -36.77 16.88 5.19
N LYS A 1055 -36.30 16.90 3.93
CA LYS A 1055 -34.93 16.51 3.63
C LYS A 1055 -34.01 17.60 4.18
N ASP A 1056 -34.41 18.86 3.98
CA ASP A 1056 -33.65 19.99 4.49
C ASP A 1056 -34.32 21.27 4.01
N PHE A 1057 -33.97 22.40 4.62
CA PHE A 1057 -34.55 23.67 4.24
C PHE A 1057 -33.49 24.71 3.91
N ARG A 1058 -33.92 25.96 3.77
CA ARG A 1058 -33.01 27.05 3.45
C ARG A 1058 -33.70 28.39 3.70
N LEU A 1059 -33.10 29.18 4.58
CA LEU A 1059 -33.65 30.49 4.90
C LEU A 1059 -33.78 31.33 3.64
N LEU A 1060 -35.00 31.43 3.11
CA LEU A 1060 -35.26 32.21 1.90
C LEU A 1060 -35.09 33.72 2.16
N GLN A 1061 -35.70 34.55 1.31
CA GLN A 1061 -35.59 36.01 1.44
C GLN A 1061 -36.11 36.63 2.73
N ASP A 1062 -37.32 37.16 2.66
CA ASP A 1062 -37.94 37.81 3.82
C ASP A 1062 -38.95 36.90 4.55
N SER A 1063 -38.47 36.26 5.60
CA SER A 1063 -39.29 35.36 6.41
C SER A 1063 -39.97 34.24 5.61
N ARG A 1064 -39.70 34.16 4.31
CA ARG A 1064 -40.23 33.08 3.49
C ARG A 1064 -39.14 32.01 3.65
N LEU A 1065 -39.51 30.73 3.62
CA LEU A 1065 -38.52 29.64 3.80
C LEU A 1065 -38.77 28.39 2.96
N LEU A 1066 -37.87 28.12 2.02
CA LEU A 1066 -38.00 26.97 1.13
C LEU A 1066 -37.73 25.62 1.82
N SER A 1067 -38.62 24.67 1.56
CA SER A 1067 -38.55 23.34 2.15
C SER A 1067 -38.80 22.28 1.08
N TRP A 1068 -38.37 21.04 1.34
CA TRP A 1068 -38.52 19.93 0.39
C TRP A 1068 -38.27 18.60 1.07
N SER A 1069 -38.98 17.55 0.65
CA SER A 1069 -38.82 16.26 1.29
C SER A 1069 -38.92 15.03 0.38
N PHE A 1070 -38.99 13.85 1.01
CA PHE A 1070 -39.10 12.56 0.33
C PHE A 1070 -40.42 12.41 -0.40
N ASP A 1071 -40.99 13.53 -0.83
CA ASP A 1071 -42.28 13.49 -1.52
C ASP A 1071 -42.18 14.21 -2.85
N GLY A 1072 -40.96 14.63 -3.18
CA GLY A 1072 -40.75 15.35 -4.42
C GLY A 1072 -41.39 16.71 -4.29
N THR A 1073 -41.92 16.97 -3.10
CA THR A 1073 -42.58 18.24 -2.80
C THR A 1073 -41.59 19.30 -2.31
N VAL A 1074 -41.78 20.51 -2.81
CA VAL A 1074 -40.94 21.65 -2.44
C VAL A 1074 -41.96 22.66 -1.99
N LYS A 1075 -41.67 23.48 -1.00
CA LYS A 1075 -42.66 24.46 -0.54
C LYS A 1075 -42.03 25.78 -0.14
N VAL A 1076 -42.87 26.81 0.03
CA VAL A 1076 -42.38 28.11 0.43
C VAL A 1076 -43.17 28.69 1.59
N TRP A 1077 -42.94 28.17 2.79
CA TRP A 1077 -43.66 28.68 3.95
C TRP A 1077 -43.22 30.11 4.20
N ASN A 1078 -43.75 30.66 5.28
CA ASN A 1078 -43.39 32.00 5.69
C ASN A 1078 -43.47 31.88 7.19
N VAL A 1079 -42.38 32.20 7.88
CA VAL A 1079 -42.41 32.12 9.32
C VAL A 1079 -43.29 33.24 9.83
N ILE A 1080 -43.74 33.10 11.08
CA ILE A 1080 -44.65 34.06 11.71
C ILE A 1080 -46.07 33.73 11.23
N THR A 1081 -46.18 32.74 10.35
CA THR A 1081 -47.47 32.30 9.79
C THR A 1081 -47.28 30.99 9.02
N GLY A 1082 -47.31 29.86 9.71
CA GLY A 1082 -47.14 28.59 9.02
C GLY A 1082 -48.12 28.52 7.86
N ARG A 1083 -47.78 29.24 6.79
CA ARG A 1083 -48.64 29.34 5.62
C ARG A 1083 -47.91 29.02 4.32
N ILE A 1084 -48.37 27.97 3.67
CA ILE A 1084 -47.79 27.51 2.41
C ILE A 1084 -48.10 28.47 1.27
N GLU A 1085 -47.12 29.31 0.92
CA GLU A 1085 -47.27 30.27 -0.17
C GLU A 1085 -47.04 29.61 -1.52
N ARG A 1086 -46.42 28.43 -1.50
CA ARG A 1086 -46.15 27.67 -2.72
C ARG A 1086 -46.01 26.19 -2.43
N ASP A 1087 -46.44 25.38 -3.38
CA ASP A 1087 -46.36 23.94 -3.24
C ASP A 1087 -46.03 23.42 -4.64
N PHE A 1088 -45.14 22.44 -4.73
CA PHE A 1088 -44.71 21.85 -6.01
C PHE A 1088 -44.53 20.35 -5.85
N THR A 1089 -45.08 19.58 -6.78
CA THR A 1089 -44.92 18.13 -6.75
C THR A 1089 -44.01 17.91 -7.96
N CYS A 1090 -42.78 18.44 -7.84
CA CYS A 1090 -41.78 18.39 -8.89
C CYS A 1090 -40.79 17.21 -8.96
N HIS A 1091 -41.12 16.08 -8.36
CA HIS A 1091 -40.27 14.89 -8.41
C HIS A 1091 -41.02 13.72 -7.83
N GLN A 1092 -40.91 12.55 -8.45
CA GLN A 1092 -41.61 11.36 -7.96
C GLN A 1092 -40.76 10.50 -7.03
N GLY A 1093 -40.10 11.15 -6.06
CA GLY A 1093 -39.27 10.40 -5.13
C GLY A 1093 -38.03 11.12 -4.61
N THR A 1094 -38.15 11.64 -3.39
CA THR A 1094 -37.07 12.33 -2.71
C THR A 1094 -36.33 13.43 -3.49
N VAL A 1095 -36.49 14.66 -3.00
CA VAL A 1095 -35.83 15.83 -3.57
C VAL A 1095 -34.52 15.85 -2.81
N LEU A 1096 -33.42 16.10 -3.49
CA LEU A 1096 -32.15 16.15 -2.79
C LEU A 1096 -31.45 17.39 -3.27
N SER A 1097 -31.28 18.34 -2.36
CA SER A 1097 -30.64 19.62 -2.67
C SER A 1097 -31.32 20.36 -3.83
N CYS A 1098 -31.24 21.68 -3.76
CA CYS A 1098 -31.82 22.57 -4.75
C CYS A 1098 -31.54 23.95 -4.23
N ALA A 1099 -31.05 24.83 -5.09
CA ALA A 1099 -30.73 26.19 -4.67
C ALA A 1099 -31.56 27.23 -5.39
N ILE A 1100 -31.44 28.47 -4.89
CA ILE A 1100 -32.14 29.62 -5.43
C ILE A 1100 -31.14 30.35 -6.28
N SER A 1101 -31.64 31.14 -7.22
CA SER A 1101 -30.77 31.92 -8.10
C SER A 1101 -30.31 33.16 -7.36
N SER A 1102 -30.28 33.08 -6.02
CA SER A 1102 -29.87 34.16 -5.12
C SER A 1102 -30.24 35.57 -5.60
N ASP A 1103 -29.49 36.10 -6.56
CA ASP A 1103 -29.78 37.44 -7.11
C ASP A 1103 -31.23 37.37 -7.59
N ALA A 1104 -32.04 38.36 -7.22
CA ALA A 1104 -33.45 38.34 -7.59
C ALA A 1104 -33.99 37.05 -6.95
N THR A 1105 -34.25 36.04 -7.79
CA THR A 1105 -34.74 34.72 -7.37
C THR A 1105 -35.76 34.21 -8.36
N LYS A 1106 -35.76 34.78 -9.56
CA LYS A 1106 -36.72 34.37 -10.58
C LYS A 1106 -36.85 32.85 -10.64
N PHE A 1107 -35.74 32.15 -10.46
CA PHE A 1107 -35.72 30.69 -10.52
C PHE A 1107 -35.27 30.09 -9.18
N SER A 1108 -35.24 28.75 -9.14
CA SER A 1108 -34.80 27.98 -7.97
C SER A 1108 -35.00 26.51 -8.36
N SER A 1109 -33.92 25.85 -8.75
CA SER A 1109 -34.09 24.47 -9.19
C SER A 1109 -33.81 23.42 -8.16
N THR A 1110 -34.23 22.20 -8.50
CA THR A 1110 -34.06 21.01 -7.67
C THR A 1110 -33.19 19.97 -8.34
N SER A 1111 -33.10 18.81 -7.71
CA SER A 1111 -32.30 17.70 -8.18
C SER A 1111 -32.64 16.49 -7.35
N ALA A 1112 -33.45 15.59 -7.88
CA ALA A 1112 -33.83 14.41 -7.12
C ALA A 1112 -33.21 13.17 -7.68
N ASP A 1113 -33.88 12.05 -7.47
CA ASP A 1113 -33.38 10.81 -7.97
C ASP A 1113 -33.77 10.63 -9.44
N LYS A 1114 -32.88 11.07 -10.32
CA LYS A 1114 -33.06 10.97 -11.77
C LYS A 1114 -32.24 12.07 -12.43
N THR A 1115 -32.66 13.31 -12.22
CA THR A 1115 -32.04 14.50 -12.79
C THR A 1115 -32.42 15.76 -12.03
N ALA A 1116 -32.25 16.89 -12.69
CA ALA A 1116 -32.55 18.18 -12.09
C ALA A 1116 -33.53 19.01 -12.89
N LYS A 1117 -34.71 19.22 -12.32
CA LYS A 1117 -35.75 20.02 -12.94
C LYS A 1117 -35.68 21.41 -12.32
N ILE A 1118 -35.62 22.42 -13.17
CA ILE A 1118 -35.53 23.80 -12.69
C ILE A 1118 -36.81 24.56 -13.03
N TRP A 1119 -37.42 25.23 -12.05
CA TRP A 1119 -38.66 25.97 -12.35
C TRP A 1119 -38.68 27.41 -11.83
N SER A 1120 -39.86 28.03 -11.81
CA SER A 1120 -39.94 29.45 -11.42
C SER A 1120 -40.83 29.98 -10.28
N PHE A 1121 -40.98 29.26 -9.17
CA PHE A 1121 -41.81 29.77 -8.07
C PHE A 1121 -43.21 30.20 -8.52
N ASP A 1122 -43.48 30.12 -9.82
CA ASP A 1122 -44.76 30.52 -10.38
C ASP A 1122 -45.43 29.39 -11.13
N LEU A 1123 -44.97 29.13 -12.35
CA LEU A 1123 -45.54 28.05 -13.13
C LEU A 1123 -45.47 26.79 -12.29
N LEU A 1124 -46.63 26.34 -11.80
CA LEU A 1124 -46.69 25.14 -10.98
C LEU A 1124 -46.37 23.91 -11.84
N SER A 1125 -45.41 24.09 -12.73
CA SER A 1125 -44.95 23.04 -13.62
C SER A 1125 -43.53 23.45 -13.98
N PRO A 1126 -42.54 22.56 -13.77
CA PRO A 1126 -41.13 22.82 -14.07
C PRO A 1126 -40.81 23.35 -15.46
N LEU A 1127 -39.92 24.36 -15.55
CA LEU A 1127 -39.52 24.95 -16.83
C LEU A 1127 -39.03 23.85 -17.78
N HIS A 1128 -37.78 23.42 -17.61
CA HIS A 1128 -37.24 22.34 -18.45
C HIS A 1128 -36.45 21.34 -17.62
N GLU A 1129 -36.86 20.08 -17.72
CA GLU A 1129 -36.23 18.97 -17.03
C GLU A 1129 -34.83 18.83 -17.66
N LEU A 1130 -33.82 18.51 -16.85
CA LEU A 1130 -32.45 18.38 -17.32
C LEU A 1130 -31.99 16.93 -17.22
N LYS A 1131 -32.49 16.07 -18.11
CA LYS A 1131 -32.12 14.66 -18.08
C LYS A 1131 -30.74 14.33 -18.63
N GLY A 1132 -30.20 13.20 -18.18
CA GLY A 1132 -28.88 12.78 -18.61
C GLY A 1132 -28.15 12.02 -17.53
N HIS A 1133 -27.78 12.71 -16.45
CA HIS A 1133 -27.06 12.11 -15.32
C HIS A 1133 -27.49 10.67 -15.06
N ASN A 1134 -26.54 9.75 -15.25
CA ASN A 1134 -26.77 8.32 -15.06
C ASN A 1134 -26.51 7.83 -13.64
N GLY A 1135 -26.41 8.76 -12.70
CA GLY A 1135 -26.18 8.40 -11.31
C GLY A 1135 -27.39 8.80 -10.48
N CYS A 1136 -27.50 10.11 -10.22
CA CYS A 1136 -28.60 10.73 -9.47
C CYS A 1136 -28.09 12.03 -8.90
N VAL A 1137 -28.50 13.11 -9.53
CA VAL A 1137 -28.09 14.44 -9.12
C VAL A 1137 -28.34 14.61 -7.63
N ARG A 1138 -27.27 14.75 -6.87
CA ARG A 1138 -27.36 14.90 -5.43
C ARG A 1138 -26.99 16.30 -4.93
N CYS A 1139 -27.13 17.29 -5.80
CA CYS A 1139 -26.84 18.68 -5.44
C CYS A 1139 -26.80 19.53 -6.69
N SER A 1140 -26.41 20.79 -6.51
CA SER A 1140 -26.30 21.78 -7.58
C SER A 1140 -26.36 23.18 -7.00
N ALA A 1141 -25.97 24.15 -7.80
CA ALA A 1141 -26.00 25.54 -7.37
C ALA A 1141 -25.95 26.43 -8.60
N PHE A 1142 -26.63 27.57 -8.53
CA PHE A 1142 -26.65 28.50 -9.65
C PHE A 1142 -25.40 29.34 -9.66
N SER A 1143 -25.06 29.84 -10.86
CA SER A 1143 -23.87 30.66 -11.07
C SER A 1143 -24.17 32.09 -10.71
N LEU A 1144 -23.60 32.57 -9.60
CA LEU A 1144 -23.81 33.94 -9.13
C LEU A 1144 -24.31 34.84 -10.25
N ASP A 1145 -25.57 34.62 -10.64
CA ASP A 1145 -26.23 35.35 -11.72
C ASP A 1145 -25.89 34.72 -13.09
N GLY A 1146 -24.60 34.77 -13.42
CA GLY A 1146 -24.01 34.26 -14.65
C GLY A 1146 -24.75 33.40 -15.66
N ILE A 1147 -26.01 33.06 -15.41
CA ILE A 1147 -26.83 32.25 -16.32
C ILE A 1147 -26.44 30.76 -16.37
N LEU A 1148 -25.79 30.27 -15.32
CA LEU A 1148 -25.38 28.86 -15.26
C LEU A 1148 -25.78 28.13 -13.97
N LEU A 1149 -25.93 26.81 -14.06
CA LEU A 1149 -26.31 25.98 -12.92
C LEU A 1149 -25.66 24.61 -13.04
N ALA A 1150 -24.69 24.35 -12.16
CA ALA A 1150 -24.00 23.09 -12.17
C ALA A 1150 -24.73 22.07 -11.32
N THR A 1151 -24.83 20.85 -11.83
CA THR A 1151 -25.50 19.77 -11.11
C THR A 1151 -24.49 18.68 -10.81
N GLY A 1152 -24.28 18.41 -9.53
CA GLY A 1152 -23.34 17.36 -9.12
C GLY A 1152 -23.99 15.98 -9.09
N ASP A 1153 -23.52 15.09 -9.97
CA ASP A 1153 -24.03 13.73 -10.07
C ASP A 1153 -23.55 12.85 -8.92
N ASP A 1154 -24.06 11.62 -8.89
CA ASP A 1154 -23.72 10.67 -7.85
C ASP A 1154 -22.42 9.88 -8.11
N ASN A 1155 -22.14 9.55 -9.37
CA ASN A 1155 -20.95 8.78 -9.69
C ASN A 1155 -19.76 9.67 -10.06
N GLY A 1156 -19.84 10.94 -9.70
CA GLY A 1156 -18.76 11.86 -10.01
C GLY A 1156 -19.11 12.77 -11.16
N GLU A 1157 -20.01 12.31 -12.02
CA GLU A 1157 -20.45 13.07 -13.19
C GLU A 1157 -20.87 14.45 -12.74
N ILE A 1158 -20.49 15.48 -13.47
CA ILE A 1158 -20.89 16.83 -13.09
C ILE A 1158 -20.99 17.71 -14.29
N ARG A 1159 -22.22 18.03 -14.65
CA ARG A 1159 -22.48 18.86 -15.81
C ARG A 1159 -22.91 20.25 -15.39
N ILE A 1160 -22.56 21.21 -16.23
CA ILE A 1160 -22.90 22.60 -15.98
C ILE A 1160 -24.01 22.86 -17.01
N TRP A 1161 -25.22 23.18 -16.55
CA TRP A 1161 -26.30 23.44 -17.47
C TRP A 1161 -26.44 24.97 -17.58
N ASN A 1162 -27.03 25.45 -18.67
CA ASN A 1162 -27.20 26.89 -18.92
C ASN A 1162 -28.60 27.49 -18.64
N VAL A 1163 -28.60 28.62 -17.95
CA VAL A 1163 -29.84 29.32 -17.59
C VAL A 1163 -30.55 29.93 -18.80
N SER A 1164 -31.14 29.04 -19.61
CA SER A 1164 -31.89 29.42 -20.80
C SER A 1164 -33.03 28.43 -20.87
N ASP A 1165 -33.65 28.23 -19.71
CA ASP A 1165 -34.79 27.33 -19.54
C ASP A 1165 -34.56 25.85 -19.84
N GLY A 1166 -33.86 25.55 -20.94
CA GLY A 1166 -33.62 24.16 -21.28
C GLY A 1166 -32.62 23.85 -22.38
N GLN A 1167 -31.44 23.40 -21.98
CA GLN A 1167 -30.36 23.02 -22.90
C GLN A 1167 -29.52 21.90 -22.28
N LEU A 1168 -28.22 21.88 -22.59
CA LEU A 1168 -27.32 20.86 -22.05
C LEU A 1168 -25.83 21.26 -22.13
N LEU A 1169 -25.47 22.45 -21.64
CA LEU A 1169 -24.08 22.91 -21.71
C LEU A 1169 -23.09 21.81 -21.33
N HIS A 1170 -21.79 22.07 -21.50
CA HIS A 1170 -20.73 21.08 -21.24
C HIS A 1170 -20.71 20.26 -19.94
N SER A 1171 -20.46 18.96 -20.11
CA SER A 1171 -20.41 17.99 -19.02
C SER A 1171 -18.98 17.59 -18.64
N CYS A 1172 -18.27 18.47 -17.94
CA CYS A 1172 -16.92 18.17 -17.52
C CYS A 1172 -17.02 17.21 -16.35
N ALA A 1173 -17.43 15.97 -16.64
CA ALA A 1173 -17.62 14.96 -15.62
C ALA A 1173 -16.63 13.78 -15.68
N PRO A 1174 -15.33 14.05 -15.45
CA PRO A 1174 -14.31 12.99 -15.49
C PRO A 1174 -14.55 11.89 -14.45
N ILE A 1175 -13.54 11.06 -14.27
CA ILE A 1175 -13.52 9.93 -13.33
C ILE A 1175 -12.59 8.86 -13.92
N SER A 1176 -12.45 8.89 -15.25
CA SER A 1176 -11.59 7.96 -15.98
C SER A 1176 -11.71 6.53 -15.49
N HIS A 1184 -14.85 11.94 -10.86
CA HIS A 1184 -14.55 12.32 -9.48
C HIS A 1184 -14.27 11.07 -8.64
N GLY A 1185 -14.28 11.24 -7.31
CA GLY A 1185 -14.03 10.13 -6.41
C GLY A 1185 -15.18 9.73 -5.50
N GLY A 1186 -16.31 9.34 -6.10
CA GLY A 1186 -17.47 8.90 -5.34
C GLY A 1186 -18.32 10.00 -4.75
N TRP A 1187 -19.46 10.25 -5.37
CA TRP A 1187 -20.39 11.29 -4.91
C TRP A 1187 -19.81 12.70 -5.12
N VAL A 1188 -20.65 13.60 -5.62
CA VAL A 1188 -20.25 14.99 -5.83
C VAL A 1188 -21.20 15.78 -4.95
N THR A 1189 -21.07 15.60 -3.65
CA THR A 1189 -21.95 16.23 -2.67
C THR A 1189 -22.05 17.75 -2.61
N ASP A 1190 -21.41 18.47 -3.54
CA ASP A 1190 -21.51 19.93 -3.51
C ASP A 1190 -20.77 20.60 -4.65
N VAL A 1191 -21.12 21.85 -4.90
CA VAL A 1191 -20.53 22.68 -5.94
C VAL A 1191 -20.74 24.16 -5.64
N CYS A 1192 -20.15 25.03 -6.44
CA CYS A 1192 -20.30 26.45 -6.23
C CYS A 1192 -19.47 27.23 -7.24
N PHE A 1193 -20.07 28.24 -7.86
CA PHE A 1193 -19.38 29.04 -8.85
C PHE A 1193 -18.67 30.22 -8.21
N SER A 1194 -17.59 30.66 -8.85
CA SER A 1194 -16.79 31.79 -8.36
C SER A 1194 -17.61 33.07 -8.55
N PRO A 1195 -17.26 34.15 -7.80
CA PRO A 1195 -18.02 35.38 -7.98
C PRO A 1195 -17.91 35.90 -9.42
N ASP A 1196 -16.98 35.32 -10.17
CA ASP A 1196 -16.72 35.68 -11.56
C ASP A 1196 -17.28 34.69 -12.58
N SER A 1197 -18.20 33.84 -12.13
CA SER A 1197 -18.83 32.85 -13.01
C SER A 1197 -17.84 32.08 -13.92
N LYS A 1198 -16.59 31.93 -13.46
CA LYS A 1198 -15.60 31.23 -14.27
C LYS A 1198 -14.95 30.00 -13.63
N THR A 1199 -14.98 29.92 -12.31
CA THR A 1199 -14.36 28.78 -11.59
C THR A 1199 -15.32 27.95 -10.74
N LEU A 1200 -15.69 26.77 -11.25
CA LEU A 1200 -16.58 25.87 -10.50
C LEU A 1200 -15.75 24.95 -9.61
N VAL A 1201 -15.93 25.05 -8.29
CA VAL A 1201 -15.20 24.22 -7.33
C VAL A 1201 -16.13 23.12 -6.79
N SER A 1202 -15.78 21.86 -7.05
CA SER A 1202 -16.60 20.74 -6.61
C SER A 1202 -16.02 20.03 -5.40
N ALA A 1203 -16.88 19.26 -4.73
CA ALA A 1203 -16.46 18.52 -3.56
C ALA A 1203 -17.22 17.20 -3.52
N GLY A 1204 -16.51 16.16 -3.10
CA GLY A 1204 -17.05 14.83 -3.01
C GLY A 1204 -15.98 14.00 -2.33
N GLY A 1205 -15.34 13.11 -3.08
CA GLY A 1205 -14.28 12.30 -2.49
C GLY A 1205 -13.09 13.16 -2.10
N TYR A 1206 -13.00 14.36 -2.68
CA TYR A 1206 -11.92 15.31 -2.41
C TYR A 1206 -12.23 16.61 -3.17
N LEU A 1207 -11.60 17.72 -2.79
CA LEU A 1207 -11.84 18.99 -3.48
C LEU A 1207 -11.27 18.92 -4.90
N LYS A 1208 -11.85 19.70 -5.82
CA LYS A 1208 -11.40 19.69 -7.22
C LYS A 1208 -12.02 20.82 -8.01
N TRP A 1209 -11.22 21.80 -8.41
CA TRP A 1209 -11.72 22.95 -9.17
C TRP A 1209 -11.86 22.71 -10.67
N TRP A 1210 -12.50 23.65 -11.38
CA TRP A 1210 -12.71 23.55 -12.83
C TRP A 1210 -12.71 24.89 -13.60
N ASN A 1211 -12.67 24.75 -14.94
CA ASN A 1211 -12.65 25.87 -15.89
C ASN A 1211 -13.98 25.93 -16.66
N VAL A 1212 -14.80 26.95 -16.36
CA VAL A 1212 -16.10 27.12 -17.00
C VAL A 1212 -16.00 26.90 -18.51
N ALA A 1213 -16.91 26.10 -19.04
CA ALA A 1213 -16.93 25.78 -20.47
C ALA A 1213 -15.65 25.00 -20.84
N THR A 1214 -15.76 23.68 -20.77
CA THR A 1214 -14.69 22.75 -21.11
C THR A 1214 -13.44 22.73 -20.24
N GLY A 1215 -12.92 21.53 -20.02
CA GLY A 1215 -11.72 21.34 -19.23
C GLY A 1215 -11.86 21.73 -17.77
N ASP A 1216 -11.02 21.15 -16.93
CA ASP A 1216 -11.05 21.47 -15.50
C ASP A 1216 -10.02 22.54 -15.16
N SER A 1217 -9.50 22.51 -13.93
CA SER A 1217 -8.52 23.51 -13.48
C SER A 1217 -7.52 22.95 -12.48
N SER A 1218 -7.54 23.53 -11.28
CA SER A 1218 -6.66 23.14 -10.19
C SER A 1218 -7.23 21.93 -9.46
N GLN A 1219 -7.59 20.90 -10.24
CA GLN A 1219 -8.15 19.64 -9.75
C GLN A 1219 -7.42 19.10 -8.52
N THR A 1220 -6.43 19.84 -8.10
CA THR A 1220 -5.62 19.46 -6.97
C THR A 1220 -6.37 19.08 -5.68
N PHE A 1221 -5.77 19.47 -4.56
CA PHE A 1221 -6.20 19.18 -3.18
C PHE A 1221 -7.02 17.96 -2.85
N TYR A 1222 -6.28 16.98 -2.34
CA TYR A 1222 -6.77 15.69 -1.91
C TYR A 1222 -6.71 15.72 -0.40
N THR A 1223 -7.72 15.15 0.26
CA THR A 1223 -7.72 15.12 1.72
C THR A 1223 -7.37 13.72 2.19
N ASN A 1224 -6.91 13.61 3.43
CA ASN A 1224 -6.59 12.31 3.98
C ASN A 1224 -7.83 11.45 3.81
N GLY A 1225 -8.92 11.87 4.46
CA GLY A 1225 -10.18 11.14 4.36
C GLY A 1225 -10.99 11.57 3.15
N THR A 1226 -12.27 11.23 3.14
CA THR A 1226 -13.10 11.62 2.00
C THR A 1226 -14.58 11.81 2.31
N ASN A 1227 -15.38 11.66 1.27
CA ASN A 1227 -16.81 11.82 1.37
C ASN A 1227 -17.16 13.10 2.09
N LEU A 1228 -16.52 14.18 1.68
CA LEU A 1228 -16.79 15.46 2.28
C LEU A 1228 -18.27 15.71 2.09
N LYS A 1229 -18.76 16.81 2.64
CA LYS A 1229 -20.16 17.20 2.52
C LYS A 1229 -20.08 18.72 2.59
N LYS A 1230 -20.69 19.41 1.64
CA LYS A 1230 -20.66 20.87 1.64
C LYS A 1230 -19.25 21.46 1.86
N ILE A 1231 -18.79 22.24 0.89
CA ILE A 1231 -17.50 22.88 0.99
C ILE A 1231 -17.74 24.38 1.09
N HIS A 1232 -17.40 24.95 2.24
CA HIS A 1232 -17.61 26.36 2.48
C HIS A 1232 -16.59 27.29 1.87
N VAL A 1233 -17.04 28.05 0.88
CA VAL A 1233 -16.18 29.00 0.18
C VAL A 1233 -16.42 30.38 0.73
N SER A 1234 -15.35 31.09 1.07
CA SER A 1234 -15.52 32.44 1.58
C SER A 1234 -16.08 33.27 0.43
N PRO A 1235 -16.21 34.59 0.62
CA PRO A 1235 -16.74 35.46 -0.44
C PRO A 1235 -15.85 35.53 -1.70
N ASP A 1236 -14.58 35.86 -1.46
CA ASP A 1236 -13.58 36.01 -2.52
C ASP A 1236 -13.04 34.72 -3.14
N PHE A 1237 -13.57 33.57 -2.72
CA PHE A 1237 -13.11 32.29 -3.23
C PHE A 1237 -11.66 32.00 -2.79
N ARG A 1238 -11.15 32.84 -1.86
CA ARG A 1238 -9.78 32.73 -1.35
C ARG A 1238 -9.70 32.27 0.13
N THR A 1239 -10.57 31.34 0.50
CA THR A 1239 -10.59 30.78 1.86
C THR A 1239 -11.56 29.62 1.77
N TYR A 1240 -11.25 28.51 2.39
CA TYR A 1240 -12.13 27.37 2.32
C TYR A 1240 -12.18 26.59 3.62
N VAL A 1241 -13.24 25.83 3.80
CA VAL A 1241 -13.38 25.01 4.99
C VAL A 1241 -14.22 23.78 4.70
N THR A 1242 -13.72 22.63 5.15
CA THR A 1242 -14.40 21.36 5.00
C THR A 1242 -13.87 20.39 6.04
N VAL A 1243 -14.51 19.23 6.13
CA VAL A 1243 -14.14 18.22 7.10
C VAL A 1243 -14.23 16.85 6.48
N ASP A 1244 -13.17 16.05 6.61
CA ASP A 1244 -13.16 14.71 6.02
C ASP A 1244 -13.57 13.64 7.02
N ASN A 1245 -14.19 12.57 6.51
CA ASN A 1245 -14.66 11.48 7.35
C ASN A 1245 -13.65 10.90 8.31
N LEU A 1246 -12.55 11.59 8.51
CA LEU A 1246 -11.52 11.16 9.46
C LEU A 1246 -11.46 12.21 10.57
N GLY A 1247 -12.40 13.15 10.50
CA GLY A 1247 -12.50 14.20 11.51
C GLY A 1247 -11.44 15.27 11.40
N ILE A 1248 -10.88 15.40 10.22
CA ILE A 1248 -9.85 16.41 10.03
C ILE A 1248 -10.46 17.70 9.50
N LEU A 1249 -10.23 18.79 10.23
CA LEU A 1249 -10.77 20.08 9.82
C LEU A 1249 -9.76 20.82 8.94
N TYR A 1250 -10.09 20.93 7.66
CA TYR A 1250 -9.22 21.62 6.69
C TYR A 1250 -9.69 23.04 6.46
N ILE A 1251 -8.83 24.02 6.76
CA ILE A 1251 -9.16 25.43 6.55
C ILE A 1251 -8.16 25.98 5.53
N LEU A 1252 -8.48 25.80 4.26
CA LEU A 1252 -7.60 26.25 3.18
C LEU A 1252 -7.68 27.74 2.90
N GLN A 1253 -6.69 28.26 2.15
CA GLN A 1253 -6.63 29.67 1.81
C GLN A 1253 -5.49 29.87 0.82
N VAL A 1254 -5.82 30.17 -0.44
CA VAL A 1254 -4.83 30.35 -1.50
C VAL A 1254 -3.48 30.90 -1.03
N LEU A 1255 -2.38 30.44 -1.65
CA LEU A 1255 -1.04 30.86 -1.27
C LEU A 1255 -0.78 32.33 -1.56
N GLU A 1256 0.13 32.94 -0.80
CA GLU A 1256 0.49 34.35 -0.95
C GLU A 1256 0.56 34.81 -2.42
#